data_3AE5
#
_entry.id   3AE5
#
_cell.length_a   71.098
_cell.length_b   83.808
_cell.length_c   294.023
_cell.angle_alpha   90.00
_cell.angle_beta   90.00
_cell.angle_gamma   90.00
#
_symmetry.space_group_name_H-M   'P 21 21 21'
#
loop_
_entity.id
_entity.type
_entity.pdbx_description
1 polymer 'Succinate dehydrogenase [ubiquinone] flavoprotein subunit, mitochondrial'
2 polymer 'Succinate dehydrogenase [ubiquinone] iron-sulfur subunit, mitochondrial'
3 polymer 'Succinate dehydrogenase cytochrome b560 subunit, mitochondrial'
4 polymer 'Succinate dehydrogenase [ubiquinone] cytochrome b small subunit, mitochondrial'
5 non-polymer 'FLAVIN-ADENINE DINUCLEOTIDE'
6 non-polymer 'MALONATE ION'
7 non-polymer 'FE2/S2 (INORGANIC) CLUSTER'
8 non-polymer 'IRON/SULFUR CLUSTER'
9 non-polymer 'FE3-S4 CLUSTER'
10 non-polymer 'PROTOPORPHYRIN IX CONTAINING FE'
11 non-polymer L-ALPHA-PHOSPHATIDYL-BETA-OLEOYL-GAMMA-PALMITOYL-PHOSPHATIDYLETHANOLAMINE
12 non-polymer 2-methyl-N-[3-(1-methylethoxy)phenyl]benzamide
#
loop_
_entity_poly.entity_id
_entity_poly.type
_entity_poly.pdbx_seq_one_letter_code
_entity_poly.pdbx_strand_id
1 'polypeptide(L)'
;SSAKVSDAISTQYPVVDHEFDAVVVGAGGAGLRAAFGLSEAGFNTACVTKLFPTRSHTVAAQGGINAALGNMEEDNWRWH
FYDTVKGSDWLGDQDAIHYMTEQAPASVVELENYGMPFSRTEDGKIYQRAFGGQSLKFGKGGQAHRCCCVADRTGHSLLH
TLYGRSLRYDTSYFVEYFALDLLMENGECRGVIALCIEDGSIHRIRARNTVVATGGYGRTYFSCTSAHTSTGDGTAMVTR
AGLPCQDLEFVQFHPTGIYGAGCLITEGCRGEGGILINSQGERFMERYAPVAKDLASRDVVSRSMTLEIREGRGCGPEKD
HVYLQLHHLPPEQLAVRLPGISETAMIFAGVDVTKEPIPVLPTVHYNMGGIPTNYKGQVLRHVNGQDQVVPGLYACGEAA
CASVHGANRLGANSLLDLVVFGRACALSIAESCRPGDKVPSIKPNAGEESVMNLDKLRFANGTIRTSELRLSMQKSMQSH
AAVFRVGSVLQEGCEKILRLYGDLQHLKTFDRGMVWNTDLVETLELQNLMLCALQTIYGAEARKESRGAHAREDFKERVD
EYDYSKPIQGQQKKPFQEHWRKHTLSYVDVKTGKVSLEYRPVIDKTLNEADCATVPPAIRSY
;
A
2 'polypeptide(L)'
;AQTAAATAPRIKKFAIYRWDPDKTGDKPHMQTYEIDLNNCGPMVLDALIKIKNEIDSTLTFRRSCREGICGSCAMNINGG
NTLACTRRIDTNLDKVSKIYPLPHMYVIKDLVPDLSNFYAQYKSIEPYLKKKDESQEGKQQYLQSIEEREKLDGLYECIL
CACCSTSCPSYWWNGDKYLGPAVLMQAYRWMIDSRDDFTEERLAKLQDPFSLYRCHTIMNCTGTCPKGLNPGKAIAEIKK
MMATYKEKKASA
;
B
3 'polypeptide(L)'
;LGTTAKEEMERFWNKNLGSNRPLSPHITIYRWSLPMAMSICHRGTGIALSAGVSLFGLSALLLPGNFESHLELVKSLCLG
PTLIYTAKFGIVFPLMYHTWNGIRHLIWDLGKGLTIPQLTQSGVVVLILTVLSSVGLAAM
;
C
4 'polypeptide(L)'
;ASSKAASLHWTGERVVSVLLLGLLPAAYLNPCSAMDYSLAAALTLHGHWGIGQVVTDYVRGDALQKAAKAGLLALSAFTF
AGLCYFNYHDVGICKAVAMLWKL
;
D
#
# COMPACT_ATOMS: atom_id res chain seq x y z
N SER A 10 19.70 -26.20 -17.01
CA SER A 10 19.11 -27.44 -17.57
C SER A 10 18.78 -28.45 -16.46
N THR A 11 17.54 -28.93 -16.49
CA THR A 11 17.05 -30.04 -15.63
C THR A 11 16.98 -29.70 -14.12
N GLN A 12 17.63 -28.62 -13.71
CA GLN A 12 17.60 -28.15 -12.32
C GLN A 12 16.25 -27.54 -11.98
N TYR A 13 15.75 -26.67 -12.85
CA TYR A 13 14.52 -25.92 -12.61
C TYR A 13 13.32 -26.58 -13.27
N PRO A 14 12.18 -26.64 -12.54
CA PRO A 14 10.95 -27.19 -13.10
C PRO A 14 10.33 -26.23 -14.11
N VAL A 15 10.38 -26.61 -15.39
CA VAL A 15 9.75 -25.84 -16.46
C VAL A 15 8.23 -26.05 -16.45
N VAL A 16 7.51 -25.01 -16.06
CA VAL A 16 6.05 -25.06 -15.99
C VAL A 16 5.45 -24.11 -17.02
N ASP A 17 4.66 -24.67 -17.93
CA ASP A 17 4.02 -23.88 -18.98
C ASP A 17 2.55 -23.58 -18.69
N HIS A 18 2.13 -22.37 -19.05
CA HIS A 18 0.74 -21.95 -18.89
C HIS A 18 0.19 -21.49 -20.25
N GLU A 19 -1.14 -21.50 -20.39
CA GLU A 19 -1.78 -21.12 -21.64
C GLU A 19 -2.81 -20.02 -21.39
N PHE A 20 -2.66 -18.90 -22.11
CA PHE A 20 -3.55 -17.74 -21.95
C PHE A 20 -3.85 -17.01 -23.26
N ASP A 21 -4.86 -16.13 -23.21
CA ASP A 21 -5.21 -15.28 -24.33
C ASP A 21 -4.29 -14.06 -24.39
N ALA A 22 -4.11 -13.39 -23.25
CA ALA A 22 -3.26 -12.20 -23.16
C ALA A 22 -2.58 -12.10 -21.79
N VAL A 23 -1.33 -11.65 -21.81
CA VAL A 23 -0.54 -11.50 -20.59
C VAL A 23 -0.27 -10.02 -20.31
N VAL A 24 -0.42 -9.62 -19.05
CA VAL A 24 -0.07 -8.27 -18.62
C VAL A 24 1.09 -8.33 -17.62
N VAL A 25 2.21 -7.72 -17.97
CA VAL A 25 3.35 -7.63 -17.07
C VAL A 25 3.26 -6.30 -16.31
N GLY A 26 3.11 -6.39 -14.99
CA GLY A 26 2.92 -5.21 -14.16
C GLY A 26 1.48 -5.08 -13.71
N ALA A 27 1.29 -4.87 -12.41
CA ALA A 27 -0.06 -4.78 -11.83
C ALA A 27 -0.36 -3.41 -11.23
N GLY A 28 0.47 -2.43 -11.57
CA GLY A 28 0.27 -1.06 -11.09
C GLY A 28 -0.40 -0.19 -12.13
N GLY A 29 -1.46 0.50 -11.72
CA GLY A 29 -2.15 1.50 -12.55
C GLY A 29 -2.45 1.06 -13.97
N ALA A 30 -1.52 1.38 -14.88
CA ALA A 30 -1.66 1.06 -16.31
C ALA A 30 -1.85 -0.45 -16.53
N GLY A 31 -0.96 -1.26 -15.95
CA GLY A 31 -1.05 -2.70 -16.06
C GLY A 31 -2.35 -3.25 -15.53
N LEU A 32 -2.74 -2.76 -14.36
CA LEU A 32 -3.98 -3.16 -13.70
C LEU A 32 -5.21 -2.82 -14.55
N ARG A 33 -5.21 -1.62 -15.13
CA ARG A 33 -6.30 -1.15 -15.98
C ARG A 33 -6.39 -1.95 -17.29
N ALA A 34 -5.24 -2.30 -17.84
CA ALA A 34 -5.17 -3.13 -19.04
C ALA A 34 -5.62 -4.57 -18.77
N ALA A 35 -5.38 -5.03 -17.55
CA ALA A 35 -5.69 -6.40 -17.15
C ALA A 35 -7.19 -6.70 -17.12
N PHE A 36 -7.92 -5.99 -16.26
CA PHE A 36 -9.36 -6.24 -16.08
C PHE A 36 -10.20 -5.73 -17.26
N GLY A 37 -9.68 -4.74 -17.98
CA GLY A 37 -10.30 -4.24 -19.21
C GLY A 37 -10.39 -5.31 -20.28
N LEU A 38 -9.42 -6.23 -20.26
CA LEU A 38 -9.41 -7.38 -21.16
C LEU A 38 -10.41 -8.46 -20.73
N SER A 39 -10.43 -8.75 -19.42
CA SER A 39 -11.39 -9.71 -18.86
C SER A 39 -12.82 -9.21 -19.03
N GLU A 40 -12.97 -7.89 -18.99
CA GLU A 40 -14.23 -7.20 -19.27
C GLU A 40 -14.71 -7.51 -20.69
N ALA A 41 -13.76 -7.59 -21.62
CA ALA A 41 -14.05 -7.93 -23.02
C ALA A 41 -14.27 -9.43 -23.22
N GLY A 42 -13.89 -10.22 -22.23
CA GLY A 42 -14.10 -11.67 -22.25
C GLY A 42 -12.86 -12.46 -22.62
N PHE A 43 -11.71 -12.00 -22.14
CA PHE A 43 -10.43 -12.63 -22.42
C PHE A 43 -9.89 -13.42 -21.24
N ASN A 44 -9.35 -14.61 -21.51
CA ASN A 44 -8.62 -15.36 -20.51
C ASN A 44 -7.28 -14.68 -20.25
N THR A 45 -7.30 -13.71 -19.34
CA THR A 45 -6.18 -12.82 -19.11
C THR A 45 -5.33 -13.25 -17.92
N ALA A 46 -4.02 -13.17 -18.08
CA ALA A 46 -3.08 -13.40 -16.99
C ALA A 46 -2.34 -12.10 -16.66
N CYS A 47 -2.01 -11.93 -15.38
CA CYS A 47 -1.30 -10.75 -14.92
C CYS A 47 -0.08 -11.14 -14.08
N VAL A 48 1.11 -10.86 -14.61
CA VAL A 48 2.36 -11.20 -13.93
C VAL A 48 2.92 -9.96 -13.24
N THR A 49 3.28 -10.12 -11.97
CA THR A 49 3.77 -9.01 -11.16
C THR A 49 4.75 -9.47 -10.08
N LYS A 50 5.82 -8.69 -9.89
CA LYS A 50 6.83 -9.00 -8.87
C LYS A 50 6.40 -8.54 -7.48
N LEU A 51 5.53 -7.52 -7.45
CA LEU A 51 4.97 -7.01 -6.20
C LEU A 51 3.50 -7.37 -6.10
N PHE A 52 2.97 -7.36 -4.88
CA PHE A 52 1.53 -7.37 -4.70
C PHE A 52 0.99 -6.07 -5.28
N PRO A 53 -0.07 -6.14 -6.11
CA PRO A 53 -0.57 -4.99 -6.87
C PRO A 53 -0.70 -3.66 -6.11
N THR A 54 -0.98 -3.73 -4.81
CA THR A 54 -1.07 -2.53 -3.98
C THR A 54 0.32 -1.95 -3.70
N ARG A 55 1.32 -2.82 -3.58
CA ARG A 55 2.70 -2.41 -3.31
C ARG A 55 3.37 -1.82 -4.56
N SER A 56 2.62 -1.72 -5.66
CA SER A 56 3.11 -1.07 -6.88
C SER A 56 3.40 0.41 -6.62
N HIS A 57 3.93 1.12 -7.58
CA HIS A 57 4.37 2.46 -7.28
C HIS A 57 3.43 3.57 -7.65
N THR A 58 2.23 3.25 -8.09
CA THR A 58 1.30 4.33 -8.49
C THR A 58 0.71 4.78 -7.16
N VAL A 59 0.81 3.92 -6.14
CA VAL A 59 0.31 4.21 -4.80
C VAL A 59 0.97 5.46 -4.19
N ALA A 60 2.21 5.71 -4.58
CA ALA A 60 2.99 6.84 -4.06
C ALA A 60 2.53 8.19 -4.62
N ALA A 61 1.66 8.15 -5.63
CA ALA A 61 1.18 9.36 -6.29
C ALA A 61 0.37 10.23 -5.33
N GLN A 62 0.56 11.55 -5.46
CA GLN A 62 0.03 12.51 -4.51
C GLN A 62 -0.74 13.63 -5.20
N GLY A 63 -0.13 14.24 -6.21
CA GLY A 63 -0.70 15.39 -6.92
C GLY A 63 -2.10 15.17 -7.43
N GLY A 64 -2.24 14.20 -8.33
CA GLY A 64 -3.56 13.84 -8.86
C GLY A 64 -3.57 13.34 -10.30
N ILE A 65 -4.66 13.65 -10.99
CA ILE A 65 -4.90 13.16 -12.34
C ILE A 65 -5.62 14.24 -13.15
N ASN A 66 -5.08 14.57 -14.33
CA ASN A 66 -5.62 15.64 -15.16
C ASN A 66 -6.81 15.22 -16.03
N ALA A 67 -7.90 15.97 -15.91
CA ALA A 67 -9.10 15.77 -16.73
C ALA A 67 -9.84 17.10 -16.88
N ALA A 68 -10.23 17.42 -18.11
CA ALA A 68 -10.93 18.66 -18.40
C ALA A 68 -12.44 18.51 -18.25
N LEU A 69 -12.88 18.41 -17.00
CA LEU A 69 -14.30 18.25 -16.70
C LEU A 69 -15.01 19.60 -16.56
N GLY A 70 -14.26 20.61 -16.12
CA GLY A 70 -14.79 21.97 -15.97
C GLY A 70 -15.75 22.11 -14.79
N ASN A 71 -15.32 21.64 -13.62
CA ASN A 71 -16.11 21.73 -12.41
C ASN A 71 -15.78 22.98 -11.59
N MET A 72 -14.54 23.41 -11.65
CA MET A 72 -14.08 24.62 -10.95
C MET A 72 -14.70 25.87 -11.57
N GLU A 73 -14.48 26.03 -12.87
CA GLU A 73 -15.06 27.11 -13.65
C GLU A 73 -15.75 26.53 -14.90
N GLU A 74 -14.97 26.36 -15.97
CA GLU A 74 -15.36 25.62 -17.17
C GLU A 74 -14.14 25.45 -18.09
N ASP A 75 -13.98 24.24 -18.60
CA ASP A 75 -12.75 23.84 -19.29
C ASP A 75 -13.03 23.30 -20.70
N ASN A 76 -11.96 23.14 -21.48
CA ASN A 76 -12.02 22.50 -22.78
C ASN A 76 -10.83 21.57 -22.94
N TRP A 77 -11.09 20.31 -23.27
CA TRP A 77 -10.04 19.30 -23.42
C TRP A 77 -9.05 19.67 -24.53
N ARG A 78 -9.50 20.53 -25.44
CA ARG A 78 -8.66 21.03 -26.51
C ARG A 78 -7.61 22.01 -26.00
N TRP A 79 -7.85 22.58 -24.82
CA TRP A 79 -6.85 23.40 -24.14
C TRP A 79 -5.84 22.51 -23.43
N HIS A 80 -6.32 21.39 -22.89
CA HIS A 80 -5.46 20.40 -22.25
C HIS A 80 -4.49 19.78 -23.26
N PHE A 81 -4.92 19.70 -24.52
CA PHE A 81 -4.04 19.27 -25.60
C PHE A 81 -2.90 20.26 -25.82
N TYR A 82 -3.24 21.55 -25.98
CA TYR A 82 -2.25 22.59 -26.22
C TYR A 82 -1.19 22.65 -25.13
N ASP A 83 -1.60 22.43 -23.88
CA ASP A 83 -0.70 22.52 -22.74
C ASP A 83 0.27 21.35 -22.67
N THR A 84 -0.21 20.15 -22.97
CA THR A 84 0.63 18.95 -22.98
C THR A 84 1.58 18.96 -24.18
N VAL A 85 1.07 19.39 -25.34
CA VAL A 85 1.87 19.45 -26.57
C VAL A 85 2.90 20.59 -26.50
N LYS A 86 2.64 21.57 -25.65
CA LYS A 86 3.59 22.65 -25.40
C LYS A 86 4.67 22.15 -24.46
N GLY A 87 4.26 21.63 -23.30
CA GLY A 87 5.18 21.10 -22.30
C GLY A 87 6.09 19.99 -22.80
N SER A 88 5.65 19.30 -23.85
CA SER A 88 6.43 18.24 -24.48
C SER A 88 7.62 18.80 -25.27
N ASP A 89 7.71 20.13 -25.32
CA ASP A 89 8.74 20.85 -26.08
C ASP A 89 8.82 20.36 -27.54
N TRP A 90 7.65 20.04 -28.08
CA TRP A 90 7.46 19.59 -29.48
C TRP A 90 8.21 18.30 -29.89
N LEU A 91 8.59 17.51 -28.89
CA LEU A 91 9.07 16.15 -29.13
C LEU A 91 7.90 15.19 -28.99
N GLY A 92 6.80 15.70 -28.43
CA GLY A 92 5.60 14.91 -28.19
C GLY A 92 4.84 14.54 -29.44
N ASP A 93 4.49 13.26 -29.55
CA ASP A 93 3.70 12.76 -30.67
C ASP A 93 2.24 13.17 -30.49
N GLN A 94 1.78 14.04 -31.37
CA GLN A 94 0.51 14.72 -31.22
C GLN A 94 -0.71 13.81 -31.44
N ASP A 95 -0.48 12.66 -32.06
CA ASP A 95 -1.54 11.66 -32.26
C ASP A 95 -1.93 10.99 -30.94
N ALA A 96 -0.94 10.79 -30.08
CA ALA A 96 -1.15 10.20 -28.76
C ALA A 96 -1.77 11.22 -27.80
N ILE A 97 -1.26 12.45 -27.85
CA ILE A 97 -1.76 13.52 -26.97
C ILE A 97 -3.22 13.85 -27.25
N HIS A 98 -3.58 13.90 -28.53
CA HIS A 98 -4.97 14.06 -28.95
C HIS A 98 -5.84 13.01 -28.28
N TYR A 99 -5.52 11.73 -28.47
CA TYR A 99 -6.31 10.62 -27.94
C TYR A 99 -6.44 10.65 -26.43
N MET A 100 -5.36 11.03 -25.76
CA MET A 100 -5.31 11.05 -24.29
C MET A 100 -6.17 12.16 -23.68
N THR A 101 -6.11 13.34 -24.30
CA THR A 101 -6.83 14.52 -23.79
C THR A 101 -8.35 14.42 -23.98
N GLU A 102 -8.78 13.75 -25.05
CA GLU A 102 -10.21 13.52 -25.28
C GLU A 102 -10.75 12.38 -24.43
N GLN A 103 -9.94 11.33 -24.27
CA GLN A 103 -10.29 10.18 -23.43
C GLN A 103 -10.20 10.53 -21.94
N ALA A 104 -9.61 11.69 -21.64
CA ALA A 104 -9.37 12.13 -20.25
C ALA A 104 -10.62 12.16 -19.35
N PRO A 105 -11.69 12.89 -19.75
CA PRO A 105 -12.89 12.88 -18.92
C PRO A 105 -13.54 11.50 -18.89
N ALA A 106 -13.49 10.80 -20.02
CA ALA A 106 -14.08 9.47 -20.15
C ALA A 106 -13.40 8.41 -19.27
N SER A 107 -12.11 8.59 -19.01
CA SER A 107 -11.35 7.65 -18.18
C SER A 107 -11.42 7.98 -16.69
N VAL A 108 -11.63 9.26 -16.38
CA VAL A 108 -11.72 9.73 -14.99
C VAL A 108 -13.11 9.49 -14.40
N VAL A 109 -14.15 9.85 -15.16
CA VAL A 109 -15.52 9.58 -14.76
C VAL A 109 -15.72 8.06 -14.62
N GLU A 110 -14.95 7.31 -15.39
CA GLU A 110 -14.88 5.86 -15.28
C GLU A 110 -14.36 5.44 -13.90
N LEU A 111 -13.35 6.16 -13.40
CA LEU A 111 -12.73 5.85 -12.11
C LEU A 111 -13.60 6.24 -10.92
N GLU A 112 -14.25 7.39 -11.02
CA GLU A 112 -15.16 7.85 -9.96
C GLU A 112 -16.33 6.90 -9.83
N ASN A 113 -16.83 6.42 -10.97
CA ASN A 113 -17.91 5.44 -10.99
C ASN A 113 -17.46 4.05 -10.52
N TYR A 114 -16.15 3.83 -10.50
CA TYR A 114 -15.57 2.64 -9.88
C TYR A 114 -15.55 2.75 -8.36
N GLY A 115 -15.45 3.97 -7.85
CA GLY A 115 -15.54 4.22 -6.42
C GLY A 115 -14.42 5.05 -5.81
N MET A 116 -13.57 5.61 -6.67
CA MET A 116 -12.46 6.45 -6.23
C MET A 116 -12.98 7.65 -5.46
N PRO A 117 -12.61 7.74 -4.16
CA PRO A 117 -13.17 8.74 -3.25
C PRO A 117 -12.62 10.13 -3.52
N PHE A 118 -12.94 10.68 -4.69
CA PHE A 118 -12.47 12.01 -5.07
C PHE A 118 -12.97 13.06 -4.10
N SER A 119 -12.09 14.02 -3.80
CA SER A 119 -12.44 15.17 -2.96
C SER A 119 -13.56 15.96 -3.63
N ARG A 120 -14.41 16.57 -2.83
CA ARG A 120 -15.66 17.14 -3.35
C ARG A 120 -15.79 18.66 -3.18
N THR A 121 -16.69 19.24 -3.98
CA THR A 121 -16.96 20.67 -3.96
C THR A 121 -18.39 20.96 -3.48
N GLU A 122 -18.85 22.19 -3.70
CA GLU A 122 -20.20 22.59 -3.30
C GLU A 122 -21.27 21.88 -4.14
N ASP A 123 -21.00 21.74 -5.43
CA ASP A 123 -21.91 21.05 -6.35
C ASP A 123 -22.02 19.56 -6.01
N GLY A 124 -20.91 19.00 -5.53
CA GLY A 124 -20.81 17.56 -5.27
C GLY A 124 -20.01 16.89 -6.38
N LYS A 125 -19.17 17.67 -7.05
CA LYS A 125 -18.37 17.19 -8.18
C LYS A 125 -16.89 17.03 -7.81
N ILE A 126 -16.17 16.30 -8.66
CA ILE A 126 -14.75 15.99 -8.45
C ILE A 126 -13.89 17.26 -8.36
N TYR A 127 -13.16 17.38 -7.26
CA TYR A 127 -12.33 18.55 -6.99
C TYR A 127 -11.05 18.56 -7.83
N GLN A 128 -10.97 19.54 -8.73
CA GLN A 128 -9.78 19.80 -9.52
C GLN A 128 -8.97 20.92 -8.87
N ARG A 129 -7.69 21.04 -9.23
CA ARG A 129 -6.86 22.14 -8.73
C ARG A 129 -5.67 22.46 -9.63
N ALA A 130 -5.22 23.71 -9.56
CA ALA A 130 -4.08 24.21 -10.36
C ALA A 130 -2.84 23.33 -10.23
N PHE A 131 -2.09 23.22 -11.33
CA PHE A 131 -0.88 22.41 -11.35
C PHE A 131 0.14 22.94 -12.35
N GLY A 132 1.36 22.39 -12.29
CA GLY A 132 2.50 22.88 -13.06
C GLY A 132 2.31 23.05 -14.56
N GLY A 133 2.16 24.31 -14.97
CA GLY A 133 2.11 24.68 -16.39
C GLY A 133 0.85 24.31 -17.14
N GLN A 134 -0.30 24.64 -16.58
CA GLN A 134 -1.59 24.40 -17.26
C GLN A 134 -2.46 25.66 -17.35
N SER A 135 -2.97 25.92 -18.55
CA SER A 135 -3.58 27.21 -18.88
C SER A 135 -4.87 27.11 -19.68
N LEU A 136 -5.76 28.08 -19.45
CA LEU A 136 -7.05 28.18 -20.14
C LEU A 136 -6.93 28.93 -21.46
N LYS A 137 -7.93 28.76 -22.32
CA LYS A 137 -8.03 29.46 -23.62
C LYS A 137 -6.77 29.41 -24.47
N PHE A 138 -6.20 28.21 -24.62
CA PHE A 138 -4.97 27.97 -25.39
C PHE A 138 -3.79 28.84 -24.94
N GLY A 139 -3.48 28.78 -23.64
CA GLY A 139 -2.35 29.50 -23.06
C GLY A 139 -2.50 31.01 -23.09
N LYS A 140 -3.73 31.49 -22.92
CA LYS A 140 -4.03 32.92 -22.99
C LYS A 140 -4.88 33.37 -21.80
N GLY A 141 -5.75 32.47 -21.32
CA GLY A 141 -6.71 32.82 -20.27
C GLY A 141 -6.29 32.46 -18.85
N GLY A 142 -5.03 32.73 -18.52
CA GLY A 142 -4.52 32.54 -17.16
C GLY A 142 -4.31 31.10 -16.74
N GLN A 143 -4.30 30.88 -15.43
CA GLN A 143 -4.06 29.56 -14.83
C GLN A 143 -5.27 28.64 -14.95
N ALA A 144 -5.03 27.38 -15.28
CA ALA A 144 -6.07 26.36 -15.38
C ALA A 144 -6.08 25.42 -14.18
N HIS A 145 -7.28 25.02 -13.77
CA HIS A 145 -7.46 24.17 -12.60
C HIS A 145 -8.19 22.88 -13.01
N ARG A 146 -7.42 21.88 -13.47
CA ARG A 146 -8.01 20.65 -13.97
C ARG A 146 -7.38 19.35 -13.42
N CYS A 147 -6.59 19.47 -12.36
CA CYS A 147 -6.00 18.30 -11.73
C CYS A 147 -6.96 17.70 -10.69
N CYS A 148 -7.64 16.63 -11.08
CA CYS A 148 -8.53 15.88 -10.19
C CYS A 148 -7.71 15.15 -9.15
N CYS A 149 -8.17 15.17 -7.89
CA CYS A 149 -7.39 14.61 -6.79
C CYS A 149 -8.19 14.09 -5.61
N VAL A 150 -7.78 12.93 -5.11
CA VAL A 150 -8.24 12.40 -3.83
C VAL A 150 -7.30 12.96 -2.77
N ALA A 151 -7.54 14.21 -2.37
CA ALA A 151 -6.76 14.93 -1.36
C ALA A 151 -5.41 14.31 -0.98
N ASP A 152 -4.38 14.60 -1.78
CA ASP A 152 -2.97 14.28 -1.46
C ASP A 152 -2.59 12.79 -1.49
N ARG A 153 -3.58 11.90 -1.45
CA ARG A 153 -3.34 10.47 -1.59
C ARG A 153 -4.18 9.94 -2.75
N THR A 154 -3.87 10.43 -3.94
CA THR A 154 -4.67 10.20 -5.13
C THR A 154 -4.31 8.88 -5.80
N GLY A 155 -3.01 8.66 -6.00
CA GLY A 155 -2.52 7.43 -6.59
C GLY A 155 -2.73 6.23 -5.69
N HIS A 156 -2.85 6.48 -4.39
CA HIS A 156 -3.23 5.46 -3.43
C HIS A 156 -4.65 4.96 -3.72
N SER A 157 -5.58 5.90 -3.84
CA SER A 157 -6.97 5.59 -4.17
C SER A 157 -7.11 5.04 -5.58
N LEU A 158 -6.33 5.58 -6.51
CA LEU A 158 -6.33 5.12 -7.90
C LEU A 158 -6.00 3.63 -8.00
N LEU A 159 -4.93 3.22 -7.32
CA LEU A 159 -4.47 1.84 -7.37
C LEU A 159 -5.44 0.92 -6.64
N HIS A 160 -5.96 1.40 -5.51
CA HIS A 160 -6.90 0.62 -4.68
C HIS A 160 -8.24 0.40 -5.37
N THR A 161 -8.81 1.46 -5.94
CA THR A 161 -10.13 1.37 -6.58
C THR A 161 -10.11 0.59 -7.90
N LEU A 162 -8.94 0.58 -8.56
CA LEU A 162 -8.73 -0.27 -9.72
C LEU A 162 -8.65 -1.73 -9.29
N TYR A 163 -7.77 -2.01 -8.33
CA TYR A 163 -7.57 -3.35 -7.81
C TYR A 163 -8.86 -3.92 -7.23
N GLY A 164 -9.56 -3.09 -6.45
CA GLY A 164 -10.85 -3.46 -5.88
C GLY A 164 -11.83 -3.88 -6.96
N ARG A 165 -11.88 -3.10 -8.03
CA ARG A 165 -12.78 -3.35 -9.15
C ARG A 165 -12.28 -4.50 -10.03
N SER A 166 -11.02 -4.90 -9.84
CA SER A 166 -10.42 -5.97 -10.66
C SER A 166 -10.83 -7.37 -10.18
N LEU A 167 -11.16 -7.51 -8.90
CA LEU A 167 -11.63 -8.78 -8.36
C LEU A 167 -13.03 -9.16 -8.86
N ARG A 168 -13.63 -8.25 -9.62
CA ARG A 168 -14.95 -8.44 -10.21
C ARG A 168 -14.84 -9.18 -11.56
N TYR A 169 -13.64 -9.67 -11.86
CA TYR A 169 -13.37 -10.40 -13.12
C TYR A 169 -12.49 -11.63 -12.91
N ASP A 170 -12.51 -12.54 -13.89
CA ASP A 170 -11.83 -13.83 -13.79
C ASP A 170 -10.36 -13.80 -14.28
N THR A 171 -9.66 -12.73 -13.93
CA THR A 171 -8.25 -12.58 -14.29
C THR A 171 -7.38 -13.43 -13.35
N SER A 172 -6.32 -14.03 -13.90
CA SER A 172 -5.34 -14.76 -13.11
C SER A 172 -4.15 -13.85 -12.76
N TYR A 173 -3.74 -13.88 -11.49
CA TYR A 173 -2.68 -13.01 -11.01
C TYR A 173 -1.50 -13.80 -10.43
N PHE A 174 -0.34 -13.68 -11.08
CA PHE A 174 0.88 -14.30 -10.60
C PHE A 174 1.62 -13.35 -9.67
N VAL A 175 1.16 -13.30 -8.42
CA VAL A 175 1.69 -12.38 -7.42
C VAL A 175 3.09 -12.80 -6.99
N GLU A 176 4.03 -11.86 -7.05
CA GLU A 176 5.45 -12.10 -6.77
C GLU A 176 6.07 -13.12 -7.74
N TYR A 177 6.00 -12.78 -9.02
CA TYR A 177 6.63 -13.53 -10.10
C TYR A 177 7.45 -12.58 -10.95
N PHE A 178 8.78 -12.61 -10.75
CA PHE A 178 9.70 -11.75 -11.48
C PHE A 178 9.84 -12.20 -12.93
N ALA A 179 9.38 -11.35 -13.84
CA ALA A 179 9.45 -11.62 -15.26
C ALA A 179 10.88 -11.45 -15.76
N LEU A 180 11.45 -12.55 -16.28
CA LEU A 180 12.83 -12.58 -16.75
C LEU A 180 12.98 -11.93 -18.12
N ASP A 181 12.47 -12.61 -19.14
CA ASP A 181 12.54 -12.15 -20.52
C ASP A 181 11.22 -12.35 -21.24
N LEU A 182 11.07 -11.74 -22.41
CA LEU A 182 9.91 -11.97 -23.27
C LEU A 182 10.10 -13.25 -24.07
N LEU A 183 9.00 -13.90 -24.40
CA LEU A 183 9.01 -15.04 -25.30
C LEU A 183 8.90 -14.54 -26.73
N MET A 184 9.88 -14.87 -27.55
CA MET A 184 9.96 -14.32 -28.89
C MET A 184 10.28 -15.38 -29.93
N GLU A 185 9.55 -15.35 -31.04
CA GLU A 185 9.79 -16.27 -32.16
C GLU A 185 9.54 -15.54 -33.47
N ASN A 186 10.62 -15.29 -34.20
CA ASN A 186 10.59 -14.61 -35.50
C ASN A 186 9.86 -13.27 -35.50
N GLY A 187 10.38 -12.33 -34.70
CA GLY A 187 9.86 -10.97 -34.64
C GLY A 187 8.56 -10.80 -33.88
N GLU A 188 7.95 -11.92 -33.47
CA GLU A 188 6.65 -11.89 -32.82
C GLU A 188 6.74 -12.32 -31.35
N CYS A 189 5.95 -11.68 -30.51
CA CYS A 189 5.93 -11.99 -29.08
C CYS A 189 4.88 -13.03 -28.74
N ARG A 190 5.30 -14.01 -27.94
CA ARG A 190 4.45 -15.14 -27.58
C ARG A 190 4.04 -15.11 -26.11
N GLY A 191 4.58 -14.17 -25.35
CA GLY A 191 4.33 -14.08 -23.92
C GLY A 191 5.59 -13.77 -23.14
N VAL A 192 5.64 -14.24 -21.89
CA VAL A 192 6.79 -14.00 -21.01
C VAL A 192 7.27 -15.25 -20.26
N ILE A 193 8.58 -15.34 -20.07
CA ILE A 193 9.17 -16.29 -19.13
C ILE A 193 9.38 -15.55 -17.80
N ALA A 194 9.06 -16.23 -16.69
CA ALA A 194 9.09 -15.61 -15.37
C ALA A 194 9.62 -16.54 -14.29
N LEU A 195 10.20 -15.94 -13.25
CA LEU A 195 10.67 -16.66 -12.07
C LEU A 195 9.70 -16.48 -10.92
N CYS A 196 9.24 -17.60 -10.36
CA CYS A 196 8.44 -17.58 -9.14
C CYS A 196 9.36 -17.23 -7.97
N ILE A 197 9.00 -16.19 -7.22
CA ILE A 197 9.80 -15.77 -6.08
C ILE A 197 9.54 -16.67 -4.86
N GLU A 198 8.37 -17.30 -4.83
CA GLU A 198 7.96 -18.15 -3.72
C GLU A 198 8.73 -19.48 -3.67
N ASP A 199 8.64 -20.27 -4.72
CA ASP A 199 9.28 -21.60 -4.73
C ASP A 199 10.54 -21.69 -5.59
N GLY A 200 10.71 -20.74 -6.51
CA GLY A 200 11.92 -20.67 -7.33
C GLY A 200 11.84 -21.34 -8.68
N SER A 201 10.67 -21.91 -9.00
CA SER A 201 10.46 -22.58 -10.28
C SER A 201 10.30 -21.58 -11.42
N ILE A 202 10.74 -21.98 -12.62
CA ILE A 202 10.67 -21.13 -13.79
C ILE A 202 9.40 -21.40 -14.61
N HIS A 203 8.60 -20.36 -14.78
CA HIS A 203 7.33 -20.47 -15.49
C HIS A 203 7.36 -19.76 -16.84
N ARG A 204 6.86 -20.44 -17.87
CA ARG A 204 6.72 -19.87 -19.21
C ARG A 204 5.24 -19.68 -19.50
N ILE A 205 4.83 -18.41 -19.62
CA ILE A 205 3.43 -18.09 -19.86
C ILE A 205 3.24 -17.60 -21.29
N ARG A 206 2.68 -18.46 -22.13
CA ARG A 206 2.45 -18.13 -23.53
C ARG A 206 1.05 -17.60 -23.80
N ALA A 207 0.96 -16.62 -24.71
CA ALA A 207 -0.31 -16.03 -25.10
C ALA A 207 -0.25 -15.45 -26.52
N ARG A 208 -1.41 -15.05 -27.03
CA ARG A 208 -1.49 -14.41 -28.34
C ARG A 208 -0.95 -12.99 -28.29
N ASN A 209 -1.11 -12.35 -27.13
CA ASN A 209 -0.66 -10.97 -26.93
C ASN A 209 0.05 -10.80 -25.60
N THR A 210 0.80 -9.70 -25.48
CA THR A 210 1.53 -9.36 -24.27
C THR A 210 1.56 -7.86 -24.07
N VAL A 211 1.05 -7.41 -22.93
CA VAL A 211 1.13 -6.00 -22.56
C VAL A 211 2.25 -5.81 -21.54
N VAL A 212 3.07 -4.78 -21.73
CA VAL A 212 4.19 -4.51 -20.85
C VAL A 212 3.97 -3.20 -20.11
N ALA A 213 3.85 -3.29 -18.78
CA ALA A 213 3.64 -2.11 -17.93
C ALA A 213 4.48 -2.21 -16.66
N THR A 214 5.80 -2.19 -16.86
CA THR A 214 6.76 -2.44 -15.78
C THR A 214 7.21 -1.17 -15.07
N GLY A 215 6.76 -0.02 -15.56
CA GLY A 215 7.15 1.26 -14.96
C GLY A 215 8.57 1.70 -15.26
N GLY A 216 8.98 2.80 -14.62
CA GLY A 216 10.26 3.44 -14.91
C GLY A 216 11.48 2.76 -14.28
N TYR A 217 12.64 3.37 -14.53
CA TYR A 217 13.92 2.87 -14.05
C TYR A 217 14.66 3.93 -13.24
N GLY A 218 13.91 4.65 -12.39
CA GLY A 218 14.46 5.72 -11.56
C GLY A 218 15.60 5.32 -10.66
N ARG A 219 15.70 4.02 -10.36
CA ARG A 219 16.76 3.48 -9.50
C ARG A 219 18.12 3.38 -10.20
N THR A 220 18.22 3.96 -11.39
CA THR A 220 19.49 4.10 -12.10
C THR A 220 20.38 5.15 -11.44
N TYR A 221 19.75 6.09 -10.75
CA TYR A 221 20.44 7.20 -10.09
C TYR A 221 20.47 7.03 -8.58
N PHE A 222 21.49 7.63 -7.96
CA PHE A 222 21.63 7.62 -6.49
C PHE A 222 20.46 8.32 -5.81
N SER A 223 20.04 9.44 -6.38
CA SER A 223 18.94 10.23 -5.81
C SER A 223 17.70 10.13 -6.69
N CYS A 224 16.62 9.62 -6.11
CA CYS A 224 15.34 9.49 -6.80
C CYS A 224 14.15 9.48 -5.83
N THR A 225 12.97 9.82 -6.34
CA THR A 225 11.73 9.78 -5.56
C THR A 225 11.09 8.40 -5.65
N SER A 226 11.39 7.69 -6.72
CA SER A 226 10.79 6.39 -7.03
C SER A 226 11.14 5.29 -6.03
N ALA A 227 10.28 4.28 -5.97
CA ALA A 227 10.42 3.16 -5.04
C ALA A 227 11.60 2.25 -5.41
N HIS A 228 12.00 1.41 -4.47
CA HIS A 228 13.14 0.49 -4.66
C HIS A 228 12.93 -0.51 -5.79
N THR A 229 11.67 -0.69 -6.18
CA THR A 229 11.30 -1.64 -7.23
C THR A 229 10.95 -0.94 -8.56
N SER A 230 11.59 0.21 -8.79
CA SER A 230 11.48 0.92 -10.07
C SER A 230 12.75 0.67 -10.88
N THR A 231 12.81 -0.49 -11.52
CA THR A 231 14.03 -0.97 -12.16
C THR A 231 13.92 -1.14 -13.68
N GLY A 232 12.86 -0.60 -14.27
CA GLY A 232 12.64 -0.64 -15.72
C GLY A 232 12.99 -1.98 -16.35
N ASP A 233 12.24 -3.00 -15.97
CA ASP A 233 12.53 -4.37 -16.36
C ASP A 233 12.02 -4.71 -17.76
N GLY A 234 10.83 -4.21 -18.09
CA GLY A 234 10.27 -4.39 -19.43
C GLY A 234 11.08 -3.64 -20.46
N THR A 235 11.64 -2.52 -20.04
CA THR A 235 12.54 -1.72 -20.88
C THR A 235 13.77 -2.56 -21.25
N ALA A 236 14.27 -3.32 -20.28
CA ALA A 236 15.40 -4.23 -20.48
C ALA A 236 15.01 -5.45 -21.30
N MET A 237 13.85 -6.02 -20.99
CA MET A 237 13.28 -7.16 -21.72
C MET A 237 13.19 -6.88 -23.21
N VAL A 238 12.79 -5.67 -23.55
CA VAL A 238 12.62 -5.24 -24.93
C VAL A 238 13.97 -5.12 -25.64
N THR A 239 14.97 -4.59 -24.94
CA THR A 239 16.30 -4.40 -25.52
C THR A 239 17.08 -5.70 -25.69
N ARG A 240 16.79 -6.68 -24.83
CA ARG A 240 17.38 -8.02 -24.94
C ARG A 240 16.77 -8.80 -26.10
N ALA A 241 15.61 -8.34 -26.57
CA ALA A 241 14.97 -8.89 -27.75
C ALA A 241 15.50 -8.23 -29.03
N GLY A 242 16.32 -7.20 -28.85
CA GLY A 242 16.90 -6.47 -29.97
C GLY A 242 15.99 -5.38 -30.50
N LEU A 243 14.91 -5.12 -29.77
CA LEU A 243 13.95 -4.08 -30.13
C LEU A 243 14.40 -2.72 -29.59
N PRO A 244 14.02 -1.63 -30.27
CA PRO A 244 14.49 -0.29 -29.91
C PRO A 244 13.92 0.25 -28.61
N CYS A 245 14.55 1.29 -28.08
CA CYS A 245 14.05 2.02 -26.92
C CYS A 245 14.07 3.51 -27.20
N GLN A 246 12.93 4.17 -26.93
CA GLN A 246 12.75 5.56 -27.32
C GLN A 246 13.09 6.54 -26.20
N ASP A 247 13.64 7.70 -26.61
CA ASP A 247 13.82 8.88 -25.75
C ASP A 247 14.38 8.61 -24.34
N LEU A 248 15.34 7.70 -24.24
CA LEU A 248 15.84 7.25 -22.95
C LEU A 248 16.64 8.28 -22.16
N GLU A 249 17.29 9.20 -22.86
CA GLU A 249 18.08 10.26 -22.21
C GLU A 249 17.20 11.28 -21.48
N PHE A 250 15.93 11.38 -21.87
CA PHE A 250 14.99 12.30 -21.25
C PHE A 250 14.54 11.79 -19.89
N VAL A 251 15.04 12.45 -18.84
CA VAL A 251 14.79 12.06 -17.46
C VAL A 251 14.27 13.27 -16.66
N GLN A 252 13.08 13.13 -16.09
CA GLN A 252 12.44 14.22 -15.36
C GLN A 252 13.03 14.42 -13.97
N PHE A 253 13.40 15.67 -13.68
CA PHE A 253 13.87 16.05 -12.36
C PHE A 253 12.79 16.84 -11.62
N HIS A 254 12.09 16.17 -10.72
CA HIS A 254 11.04 16.81 -9.93
C HIS A 254 11.67 17.78 -8.92
N PRO A 255 11.24 19.06 -8.97
CA PRO A 255 11.81 20.14 -8.16
C PRO A 255 11.71 19.96 -6.65
N THR A 256 10.67 19.27 -6.18
CA THR A 256 10.42 19.14 -4.74
C THR A 256 10.56 17.70 -4.20
N GLY A 257 11.70 17.42 -3.60
CA GLY A 257 11.97 16.13 -2.96
C GLY A 257 12.87 16.31 -1.75
N ILE A 258 12.49 15.70 -0.64
CA ILE A 258 13.19 15.86 0.66
C ILE A 258 14.69 15.56 0.56
N TYR A 259 15.49 16.41 1.20
CA TYR A 259 16.96 16.33 1.17
C TYR A 259 17.53 14.96 1.57
N GLY A 260 16.79 14.23 2.39
CA GLY A 260 17.23 12.91 2.87
C GLY A 260 17.19 11.80 1.83
N ALA A 261 16.30 10.84 2.05
CA ALA A 261 16.17 9.67 1.16
C ALA A 261 15.56 10.02 -0.20
N GLY A 262 15.02 11.24 -0.32
CA GLY A 262 14.45 11.72 -1.57
C GLY A 262 12.96 11.53 -1.68
N CYS A 263 12.27 11.59 -0.54
CA CYS A 263 10.82 11.44 -0.51
C CYS A 263 10.11 12.62 -1.17
N LEU A 264 9.11 12.32 -1.99
CA LEU A 264 8.41 13.33 -2.76
C LEU A 264 7.43 14.14 -1.93
N ILE A 265 7.57 15.46 -2.03
CA ILE A 265 6.52 16.37 -1.61
C ILE A 265 5.82 16.81 -2.90
N THR A 266 4.50 16.75 -2.90
CA THR A 266 3.69 17.01 -4.09
C THR A 266 3.90 18.41 -4.71
N GLU A 267 3.73 18.48 -6.03
CA GLU A 267 3.74 19.76 -6.74
C GLU A 267 2.42 20.50 -6.49
N GLY A 268 1.44 19.76 -5.95
CA GLY A 268 0.19 20.33 -5.48
C GLY A 268 0.39 21.39 -4.41
N CYS A 269 1.57 21.38 -3.80
CA CYS A 269 1.98 22.45 -2.87
C CYS A 269 2.03 23.78 -3.60
N ARG A 270 2.78 23.82 -4.70
CA ARG A 270 2.88 25.00 -5.55
C ARG A 270 1.57 25.32 -6.24
N GLY A 271 0.75 24.29 -6.44
CA GLY A 271 -0.56 24.42 -7.09
C GLY A 271 -1.63 25.06 -6.22
N GLU A 272 -1.58 24.79 -4.92
CA GLU A 272 -2.57 25.33 -3.96
C GLU A 272 -2.24 26.75 -3.52
N GLY A 273 -0.94 27.02 -3.33
CA GLY A 273 -0.48 28.35 -2.93
C GLY A 273 0.94 28.40 -2.38
N GLY A 274 1.62 27.25 -2.41
CA GLY A 274 2.99 27.14 -1.91
C GLY A 274 3.99 27.88 -2.76
N ILE A 275 4.92 28.56 -2.09
CA ILE A 275 5.91 29.41 -2.75
C ILE A 275 7.33 28.87 -2.50
N LEU A 276 8.20 29.01 -3.48
CA LEU A 276 9.56 28.46 -3.42
C LEU A 276 10.59 29.57 -3.14
N ILE A 277 11.33 29.41 -2.05
CA ILE A 277 12.22 30.47 -1.52
C ILE A 277 13.69 30.04 -1.40
N ASN A 278 14.60 30.93 -1.82
CA ASN A 278 16.05 30.70 -1.71
C ASN A 278 16.68 31.25 -0.42
N SER A 279 18.01 31.29 -0.37
CA SER A 279 18.74 31.71 0.83
C SER A 279 18.61 33.19 1.16
N GLN A 280 18.52 34.03 0.13
CA GLN A 280 18.42 35.48 0.32
C GLN A 280 17.01 35.90 0.79
N GLY A 281 16.01 35.10 0.42
CA GLY A 281 14.63 35.37 0.80
C GLY A 281 13.73 35.72 -0.36
N GLU A 282 14.33 35.87 -1.54
CA GLU A 282 13.60 36.19 -2.76
C GLU A 282 12.85 34.97 -3.30
N ARG A 283 11.65 35.20 -3.82
CA ARG A 283 10.93 34.20 -4.61
C ARG A 283 11.66 34.08 -5.95
N PHE A 284 12.63 33.19 -6.00
CA PHE A 284 13.53 33.07 -7.16
C PHE A 284 12.84 32.63 -8.44
N MET A 285 11.56 32.29 -8.34
CA MET A 285 10.74 31.94 -9.49
C MET A 285 9.95 33.15 -9.99
N GLU A 286 10.64 34.26 -10.19
CA GLU A 286 10.05 35.48 -10.72
C GLU A 286 10.92 36.09 -11.81
N ARG A 287 12.23 36.10 -11.59
CA ARG A 287 13.19 36.55 -12.59
C ARG A 287 13.43 35.46 -13.65
N TYR A 288 13.27 34.21 -13.24
CA TYR A 288 13.37 33.05 -14.14
C TYR A 288 12.09 32.85 -14.94
N ALA A 289 10.94 32.98 -14.27
CA ALA A 289 9.64 32.85 -14.92
C ALA A 289 8.69 33.96 -14.48
N PRO A 290 8.40 34.92 -15.38
CA PRO A 290 7.54 36.06 -15.03
C PRO A 290 6.04 35.75 -15.04
N VAL A 291 5.57 35.04 -16.05
CA VAL A 291 4.14 34.79 -16.23
C VAL A 291 3.63 33.68 -15.32
N ALA A 292 4.09 32.45 -15.56
CA ALA A 292 3.65 31.26 -14.83
C ALA A 292 4.29 31.16 -13.43
N LYS A 293 5.48 31.74 -13.30
CA LYS A 293 6.21 31.82 -12.02
C LYS A 293 6.64 30.48 -11.42
N ASP A 294 6.28 30.22 -10.17
CA ASP A 294 6.67 28.98 -9.49
C ASP A 294 5.83 27.76 -9.91
N LEU A 295 4.69 28.02 -10.55
CA LEU A 295 3.86 26.95 -11.09
C LEU A 295 4.07 26.80 -12.60
N ALA A 296 5.32 26.97 -13.03
CA ALA A 296 5.72 26.77 -14.42
C ALA A 296 6.09 25.32 -14.66
N SER A 297 6.57 25.02 -15.87
CA SER A 297 6.96 23.66 -16.25
C SER A 297 8.16 23.16 -15.46
N ARG A 298 8.25 21.84 -15.28
CA ARG A 298 9.27 21.19 -14.44
C ARG A 298 10.69 21.44 -14.93
N ASP A 299 10.86 21.51 -16.25
CA ASP A 299 12.16 21.76 -16.87
C ASP A 299 12.60 23.22 -16.76
N VAL A 300 11.76 24.04 -16.11
CA VAL A 300 12.09 25.45 -15.86
C VAL A 300 12.37 25.65 -14.37
N VAL A 301 11.60 24.97 -13.52
CA VAL A 301 11.74 25.08 -12.06
C VAL A 301 12.99 24.37 -11.56
N SER A 302 13.17 23.11 -11.96
CA SER A 302 14.36 22.34 -11.59
C SER A 302 15.63 22.90 -12.22
N ARG A 303 15.47 23.50 -13.40
CA ARG A 303 16.55 24.20 -14.10
C ARG A 303 17.02 25.41 -13.27
N SER A 304 16.06 26.10 -12.67
CA SER A 304 16.33 27.28 -11.85
C SER A 304 16.97 26.91 -10.52
N MET A 305 16.38 25.94 -9.83
CA MET A 305 16.85 25.51 -8.50
C MET A 305 18.30 25.04 -8.52
N THR A 306 18.64 24.21 -9.51
CA THR A 306 19.99 23.66 -9.66
C THR A 306 21.01 24.76 -10.00
N LEU A 307 20.59 25.70 -10.84
CA LEU A 307 21.44 26.82 -11.24
C LEU A 307 21.65 27.83 -10.11
N GLU A 308 20.69 27.91 -9.20
CA GLU A 308 20.78 28.78 -8.02
C GLU A 308 21.79 28.27 -6.99
N ILE A 309 22.06 26.97 -6.99
CA ILE A 309 23.05 26.36 -6.11
C ILE A 309 24.46 26.66 -6.61
N ARG A 310 24.61 26.76 -7.94
CA ARG A 310 25.90 27.08 -8.57
C ARG A 310 26.37 28.49 -8.16
N GLU A 311 25.41 29.39 -7.93
CA GLU A 311 25.70 30.77 -7.54
C GLU A 311 26.25 30.87 -6.11
N GLY A 312 25.96 29.85 -5.31
CA GLY A 312 26.32 29.85 -3.89
C GLY A 312 25.15 30.27 -3.02
N ARG A 313 23.98 30.36 -3.64
CA ARG A 313 22.75 30.81 -2.96
C ARG A 313 21.99 29.62 -2.36
N GLY A 314 22.71 28.56 -2.02
CA GLY A 314 22.12 27.36 -1.43
C GLY A 314 21.79 27.53 0.04
N CYS A 315 21.08 26.54 0.59
CA CYS A 315 20.65 26.57 1.99
C CYS A 315 21.07 25.31 2.74
N GLY A 316 21.39 25.47 4.01
CA GLY A 316 21.77 24.35 4.87
C GLY A 316 23.25 24.30 5.20
N PRO A 317 23.65 23.37 6.09
CA PRO A 317 25.03 23.21 6.54
C PRO A 317 25.99 22.76 5.44
N GLU A 318 25.45 22.20 4.37
CA GLU A 318 26.24 21.72 3.24
C GLU A 318 26.11 22.63 2.01
N LYS A 319 25.17 23.58 2.08
CA LYS A 319 24.87 24.52 0.99
C LYS A 319 24.45 23.82 -0.31
N ASP A 320 23.58 22.82 -0.21
CA ASP A 320 23.16 22.03 -1.37
C ASP A 320 21.64 21.91 -1.58
N HIS A 321 20.86 22.15 -0.54
CA HIS A 321 19.39 22.05 -0.65
C HIS A 321 18.66 23.40 -0.57
N VAL A 322 17.38 23.40 -0.96
CA VAL A 322 16.54 24.61 -1.01
C VAL A 322 15.28 24.42 -0.16
N TYR A 323 14.60 25.52 0.17
CA TYR A 323 13.38 25.48 0.99
C TYR A 323 12.09 25.76 0.20
N LEU A 324 11.01 25.11 0.62
CA LEU A 324 9.66 25.35 0.07
C LEU A 324 8.73 25.82 1.20
N GLN A 325 8.18 27.02 1.03
CA GLN A 325 7.35 27.64 2.05
C GLN A 325 5.93 27.09 2.07
N LEU A 326 5.46 26.75 3.26
CA LEU A 326 4.06 26.36 3.49
C LEU A 326 3.54 27.02 4.77
N HIS A 327 4.43 27.71 5.47
CA HIS A 327 4.12 28.43 6.71
C HIS A 327 2.95 29.42 6.53
N HIS A 328 2.99 30.17 5.44
CA HIS A 328 1.99 31.22 5.17
C HIS A 328 0.60 30.70 4.83
N LEU A 329 0.53 29.47 4.30
CA LEU A 329 -0.75 28.83 3.96
C LEU A 329 -1.65 28.68 5.19
N PRO A 330 -2.98 28.82 5.00
CA PRO A 330 -3.92 28.61 6.10
C PRO A 330 -3.93 27.14 6.54
N PRO A 331 -3.90 26.90 7.86
CA PRO A 331 -3.99 25.53 8.40
C PRO A 331 -5.32 24.87 8.06
N GLU A 332 -6.32 25.70 7.75
CA GLU A 332 -7.67 25.27 7.37
C GLU A 332 -7.65 24.28 6.20
N GLN A 333 -6.95 24.65 5.13
CA GLN A 333 -6.91 23.83 3.92
C GLN A 333 -5.65 22.98 3.78
N LEU A 334 -4.62 23.31 4.56
CA LEU A 334 -3.36 22.56 4.55
C LEU A 334 -3.55 21.14 5.09
N ALA A 335 -4.37 21.03 6.15
CA ALA A 335 -4.69 19.74 6.74
C ALA A 335 -5.71 18.94 5.91
N VAL A 336 -6.43 19.63 5.04
CA VAL A 336 -7.47 19.01 4.21
C VAL A 336 -6.94 18.60 2.83
N ARG A 337 -6.35 19.55 2.11
CA ARG A 337 -5.84 19.32 0.76
C ARG A 337 -4.53 18.53 0.75
N LEU A 338 -3.70 18.74 1.77
CA LEU A 338 -2.38 18.10 1.84
C LEU A 338 -2.08 17.46 3.21
N PRO A 339 -2.84 16.42 3.60
CA PRO A 339 -2.53 15.75 4.88
C PRO A 339 -1.49 14.64 4.76
N GLY A 340 -1.31 14.09 3.56
CA GLY A 340 -0.35 13.02 3.32
C GLY A 340 1.09 13.50 3.38
N ILE A 341 1.33 14.70 2.87
CA ILE A 341 2.65 15.34 2.96
C ILE A 341 2.86 16.04 4.31
N SER A 342 1.76 16.29 5.02
CA SER A 342 1.82 16.82 6.37
C SER A 342 2.46 15.80 7.32
N GLU A 343 2.16 14.53 7.07
CA GLU A 343 2.68 13.42 7.88
C GLU A 343 4.07 12.98 7.43
N THR A 344 4.27 12.86 6.12
CA THR A 344 5.53 12.35 5.57
C THR A 344 6.70 13.36 5.59
N ALA A 345 6.39 14.65 5.71
CA ALA A 345 7.41 15.68 5.89
C ALA A 345 7.72 15.89 7.37
N MET A 346 6.85 15.35 8.21
CA MET A 346 7.03 15.38 9.66
C MET A 346 7.97 14.26 10.12
N ILE A 347 8.12 13.22 9.28
CA ILE A 347 8.90 12.04 9.63
C ILE A 347 10.36 12.15 9.17
N PHE A 348 10.57 12.23 7.86
CA PHE A 348 11.93 12.23 7.29
C PHE A 348 12.68 13.52 7.52
N ALA A 349 11.95 14.63 7.58
CA ALA A 349 12.54 15.94 7.79
C ALA A 349 12.41 16.42 9.23
N GLY A 350 11.31 16.03 9.89
CA GLY A 350 11.01 16.49 11.25
C GLY A 350 10.62 17.95 11.24
N VAL A 351 9.71 18.30 10.33
CA VAL A 351 9.33 19.69 10.08
C VAL A 351 7.83 19.90 10.22
N ASP A 352 7.44 20.80 11.13
CA ASP A 352 6.05 21.20 11.29
C ASP A 352 5.58 21.91 10.01
N VAL A 353 4.69 21.23 9.29
CA VAL A 353 4.24 21.69 7.97
C VAL A 353 3.51 23.03 7.96
N THR A 354 2.89 23.38 9.09
CA THR A 354 2.11 24.61 9.19
C THR A 354 2.92 25.83 9.65
N LYS A 355 4.02 25.58 10.34
CA LYS A 355 4.85 26.66 10.90
C LYS A 355 6.22 26.80 10.23
N GLU A 356 6.79 25.68 9.80
CA GLU A 356 8.15 25.66 9.23
C GLU A 356 8.17 25.17 7.78
N PRO A 357 9.06 25.75 6.94
CA PRO A 357 9.15 25.37 5.51
C PRO A 357 9.83 24.01 5.27
N ILE A 358 9.40 23.32 4.22
CA ILE A 358 9.93 21.99 3.86
C ILE A 358 11.24 22.11 3.07
N PRO A 359 12.28 21.35 3.48
CA PRO A 359 13.50 21.25 2.69
C PRO A 359 13.28 20.40 1.42
N VAL A 360 13.56 20.97 0.26
CA VAL A 360 13.35 20.30 -1.04
C VAL A 360 14.60 20.27 -1.90
N LEU A 361 14.59 19.44 -2.94
CA LEU A 361 15.70 19.29 -3.86
C LEU A 361 15.22 18.64 -5.17
N PRO A 362 15.65 19.19 -6.33
CA PRO A 362 15.35 18.59 -7.63
C PRO A 362 16.03 17.24 -7.79
N THR A 363 15.22 16.18 -7.81
CA THR A 363 15.73 14.81 -7.91
C THR A 363 15.03 14.04 -9.05
N VAL A 364 15.66 12.97 -9.50
CA VAL A 364 15.11 12.09 -10.54
C VAL A 364 13.71 11.60 -10.16
N HIS A 365 12.81 11.57 -11.13
CA HIS A 365 11.40 11.28 -10.87
C HIS A 365 10.76 10.37 -11.93
N TYR A 366 10.49 10.95 -13.11
CA TYR A 366 9.79 10.26 -14.18
C TYR A 366 10.71 9.92 -15.33
N ASN A 367 10.46 8.78 -15.97
CA ASN A 367 11.17 8.41 -17.20
C ASN A 367 10.29 8.64 -18.42
N MET A 368 10.59 9.72 -19.15
CA MET A 368 9.83 10.14 -20.32
C MET A 368 9.87 9.07 -21.41
N GLY A 369 11.07 8.53 -21.62
CA GLY A 369 11.27 7.50 -22.62
C GLY A 369 10.89 6.11 -22.16
N GLY A 370 11.28 5.11 -22.95
CA GLY A 370 10.97 3.73 -22.68
C GLY A 370 10.86 2.92 -23.96
N ILE A 371 9.73 2.23 -24.12
CA ILE A 371 9.49 1.36 -25.27
C ILE A 371 8.61 2.09 -26.29
N PRO A 372 9.09 2.23 -27.54
CA PRO A 372 8.36 2.92 -28.62
C PRO A 372 6.97 2.33 -28.80
N THR A 373 5.96 3.18 -28.68
CA THR A 373 4.57 2.72 -28.62
C THR A 373 3.63 3.50 -29.52
N ASN A 374 2.84 2.75 -30.28
CA ASN A 374 1.75 3.26 -31.10
C ASN A 374 0.70 3.97 -30.23
N TYR A 375 -0.04 4.91 -30.81
CA TYR A 375 -1.12 5.59 -30.09
C TYR A 375 -2.19 4.61 -29.60
N LYS A 376 -2.25 3.44 -30.22
CA LYS A 376 -3.16 2.36 -29.83
C LYS A 376 -2.49 1.35 -28.91
N GLY A 377 -1.27 1.64 -28.48
CA GLY A 377 -0.58 0.82 -27.49
C GLY A 377 0.37 -0.22 -28.05
N GLN A 378 0.37 -0.40 -29.36
CA GLN A 378 1.21 -1.41 -30.02
C GLN A 378 2.68 -1.00 -29.95
N VAL A 379 3.54 -1.97 -29.63
CA VAL A 379 4.98 -1.69 -29.59
C VAL A 379 5.53 -1.56 -31.00
N LEU A 380 6.35 -0.54 -31.21
CA LEU A 380 6.89 -0.22 -32.53
C LEU A 380 8.38 -0.53 -32.64
N ARG A 381 8.80 -0.92 -33.83
CA ARG A 381 10.23 -1.06 -34.14
C ARG A 381 10.59 -0.19 -35.34
N HIS A 382 11.89 -0.06 -35.61
CA HIS A 382 12.35 0.78 -36.71
C HIS A 382 12.97 -0.05 -37.82
N VAL A 383 12.26 -0.12 -38.94
CA VAL A 383 12.73 -0.83 -40.12
C VAL A 383 12.80 0.14 -41.30
N ASN A 384 14.01 0.27 -41.85
CA ASN A 384 14.26 1.11 -43.03
C ASN A 384 13.68 2.53 -42.92
N GLY A 385 14.00 3.20 -41.82
CA GLY A 385 13.54 4.56 -41.56
C GLY A 385 12.06 4.68 -41.25
N GLN A 386 11.34 3.57 -41.39
CA GLN A 386 9.88 3.57 -41.26
C GLN A 386 9.41 2.85 -40.00
N ASP A 387 8.14 3.05 -39.67
CA ASP A 387 7.51 2.40 -38.53
C ASP A 387 7.05 0.98 -38.86
N GLN A 388 6.98 0.13 -37.83
CA GLN A 388 6.51 -1.25 -37.96
C GLN A 388 5.95 -1.78 -36.65
N VAL A 389 4.79 -2.40 -36.73
CA VAL A 389 4.13 -2.97 -35.56
C VAL A 389 4.79 -4.29 -35.16
N VAL A 390 5.16 -4.40 -33.88
CA VAL A 390 5.65 -5.66 -33.34
C VAL A 390 4.45 -6.52 -32.98
N PRO A 391 4.31 -7.68 -33.66
CA PRO A 391 3.13 -8.56 -33.52
C PRO A 391 2.99 -9.21 -32.15
N GLY A 392 1.87 -8.93 -31.48
CA GLY A 392 1.56 -9.53 -30.18
C GLY A 392 2.25 -8.86 -29.01
N LEU A 393 2.53 -7.57 -29.14
CA LEU A 393 3.23 -6.82 -28.10
C LEU A 393 2.64 -5.43 -27.89
N TYR A 394 2.38 -5.10 -26.62
CA TYR A 394 1.78 -3.83 -26.23
C TYR A 394 2.52 -3.23 -25.04
N ALA A 395 2.38 -1.92 -24.85
CA ALA A 395 2.99 -1.22 -23.72
C ALA A 395 2.19 0.01 -23.31
N CYS A 396 2.00 0.18 -22.00
CA CYS A 396 1.29 1.35 -21.48
C CYS A 396 1.83 1.79 -20.12
N GLY A 397 1.91 3.10 -19.91
CA GLY A 397 2.41 3.66 -18.65
C GLY A 397 3.77 4.29 -18.76
N GLU A 398 4.52 4.24 -17.65
CA GLU A 398 5.85 4.87 -17.56
C GLU A 398 6.90 4.12 -18.39
N ALA A 399 6.79 2.79 -18.41
CA ALA A 399 7.66 1.93 -19.20
C ALA A 399 7.44 2.15 -20.69
N ALA A 400 6.21 2.54 -21.04
CA ALA A 400 5.86 2.87 -22.42
C ALA A 400 6.38 4.24 -22.83
N CYS A 401 6.65 4.39 -24.12
CA CYS A 401 6.95 5.69 -24.69
C CYS A 401 6.22 5.85 -26.01
N ALA A 402 4.93 6.17 -25.92
CA ALA A 402 4.20 6.72 -27.04
C ALA A 402 4.63 8.18 -27.15
N SER A 403 5.42 8.59 -26.17
CA SER A 403 5.90 9.97 -26.00
C SER A 403 4.75 10.96 -26.08
N VAL A 404 3.72 10.69 -25.28
CA VAL A 404 2.62 11.61 -25.08
C VAL A 404 3.10 12.75 -24.18
N HIS A 405 4.15 12.46 -23.41
CA HIS A 405 4.77 13.44 -22.52
C HIS A 405 5.87 14.23 -23.23
N GLY A 406 6.53 13.60 -24.19
CA GLY A 406 7.58 14.25 -25.00
C GLY A 406 8.87 14.50 -24.24
N ALA A 407 9.39 15.72 -24.38
CA ALA A 407 10.65 16.11 -23.73
C ALA A 407 10.45 16.44 -22.25
N ASN A 408 9.24 16.88 -21.90
CA ASN A 408 8.89 17.15 -20.50
C ASN A 408 7.43 16.85 -20.19
N ARG A 409 7.23 16.03 -19.16
CA ARG A 409 5.89 15.61 -18.72
C ARG A 409 5.21 16.70 -17.89
N LEU A 410 3.92 16.93 -18.18
CA LEU A 410 3.12 17.88 -17.41
C LEU A 410 2.73 17.35 -16.03
N GLY A 411 2.40 18.27 -15.13
CA GLY A 411 2.01 17.93 -13.78
C GLY A 411 0.76 17.08 -13.69
N ALA A 412 0.92 15.85 -13.19
CA ALA A 412 -0.17 14.89 -13.01
C ALA A 412 -0.77 14.35 -14.31
N ASN A 413 0.07 14.28 -15.35
CA ASN A 413 -0.33 13.70 -16.64
C ASN A 413 0.01 12.22 -16.79
N SER A 414 0.74 11.66 -15.83
CA SER A 414 1.13 10.26 -15.90
C SER A 414 -0.01 9.30 -15.57
N LEU A 415 -0.74 9.57 -14.48
CA LEU A 415 -1.87 8.73 -14.09
C LEU A 415 -2.94 8.67 -15.19
N LEU A 416 -2.96 9.70 -16.03
CA LEU A 416 -3.82 9.72 -17.21
C LEU A 416 -3.25 8.79 -18.28
N ASP A 417 -1.96 8.96 -18.58
CA ASP A 417 -1.21 8.09 -19.48
C ASP A 417 -1.38 6.61 -19.11
N LEU A 418 -1.50 6.36 -17.80
CA LEU A 418 -1.75 5.03 -17.27
C LEU A 418 -3.11 4.47 -17.72
N VAL A 419 -4.19 5.13 -17.27
CA VAL A 419 -5.56 4.66 -17.49
C VAL A 419 -5.95 4.67 -18.97
N VAL A 420 -5.59 5.74 -19.67
CA VAL A 420 -5.97 5.92 -21.07
C VAL A 420 -5.33 4.86 -21.97
N PHE A 421 -4.01 4.72 -21.87
CA PHE A 421 -3.27 3.78 -22.70
C PHE A 421 -3.38 2.34 -22.22
N GLY A 422 -3.66 2.16 -20.93
CA GLY A 422 -4.03 0.86 -20.40
C GLY A 422 -5.31 0.39 -21.06
N ARG A 423 -6.30 1.29 -21.11
CA ARG A 423 -7.58 1.05 -21.79
C ARG A 423 -7.37 0.83 -23.27
N ALA A 424 -6.46 1.63 -23.85
CA ALA A 424 -6.14 1.53 -25.27
C ALA A 424 -5.57 0.15 -25.60
N CYS A 425 -4.66 -0.32 -24.75
CA CYS A 425 -4.06 -1.66 -24.91
C CYS A 425 -5.11 -2.76 -24.85
N ALA A 426 -6.16 -2.54 -24.06
CA ALA A 426 -7.27 -3.47 -23.96
C ALA A 426 -8.14 -3.46 -25.22
N LEU A 427 -8.58 -2.25 -25.61
CA LEU A 427 -9.44 -2.07 -26.77
C LEU A 427 -8.81 -2.58 -28.07
N SER A 428 -7.52 -2.30 -28.24
CA SER A 428 -6.80 -2.64 -29.46
C SER A 428 -6.58 -4.14 -29.61
N ILE A 429 -6.57 -4.86 -28.50
CA ILE A 429 -6.54 -6.33 -28.54
C ILE A 429 -7.95 -6.88 -28.77
N ALA A 430 -8.94 -6.25 -28.15
CA ALA A 430 -10.34 -6.64 -28.30
C ALA A 430 -10.90 -6.37 -29.70
N GLU A 431 -10.26 -5.44 -30.41
CA GLU A 431 -10.68 -5.09 -31.77
C GLU A 431 -9.92 -5.86 -32.85
N SER A 432 -8.61 -6.03 -32.66
CA SER A 432 -7.76 -6.70 -33.65
C SER A 432 -8.02 -8.21 -33.73
N CYS A 433 -8.07 -8.87 -32.57
CA CYS A 433 -8.33 -10.31 -32.53
C CYS A 433 -9.46 -10.67 -31.56
N ARG A 434 -9.83 -11.95 -31.55
CA ARG A 434 -10.89 -12.46 -30.68
C ARG A 434 -10.33 -13.41 -29.62
N PRO A 435 -11.00 -13.50 -28.45
CA PRO A 435 -10.53 -14.44 -27.42
C PRO A 435 -10.87 -15.88 -27.76
N GLY A 436 -9.91 -16.78 -27.51
CA GLY A 436 -10.07 -18.18 -27.89
C GLY A 436 -9.50 -18.48 -29.26
N ASP A 437 -8.88 -17.47 -29.88
CA ASP A 437 -8.17 -17.65 -31.14
C ASP A 437 -6.87 -18.41 -30.90
N LYS A 438 -6.37 -19.07 -31.95
CA LYS A 438 -5.22 -19.97 -31.84
C LYS A 438 -4.03 -19.30 -31.15
N VAL A 439 -3.66 -19.84 -30.00
CA VAL A 439 -2.49 -19.39 -29.26
C VAL A 439 -1.24 -19.97 -29.94
N PRO A 440 -0.36 -19.09 -30.46
CA PRO A 440 0.82 -19.53 -31.22
C PRO A 440 1.74 -20.43 -30.40
N SER A 441 2.16 -21.54 -31.00
CA SER A 441 3.02 -22.50 -30.31
C SER A 441 4.47 -22.04 -30.26
N ILE A 442 5.10 -22.24 -29.11
CA ILE A 442 6.49 -21.87 -28.89
C ILE A 442 7.38 -23.11 -28.88
N LYS A 443 8.64 -22.95 -29.29
CA LYS A 443 9.62 -24.03 -29.26
C LYS A 443 9.84 -24.54 -27.83
N PRO A 444 9.87 -25.88 -27.67
CA PRO A 444 10.12 -26.49 -26.36
C PRO A 444 11.49 -26.11 -25.78
N ASN A 445 12.36 -25.60 -26.63
CA ASN A 445 13.72 -25.21 -26.24
C ASN A 445 13.84 -23.73 -25.88
N ALA A 446 12.81 -22.95 -26.18
CA ALA A 446 12.81 -21.49 -25.96
C ALA A 446 12.85 -21.10 -24.48
N GLY A 447 13.36 -19.90 -24.22
CA GLY A 447 13.63 -19.45 -22.85
C GLY A 447 14.89 -20.13 -22.33
N GLU A 448 15.74 -20.55 -23.27
CA GLU A 448 16.91 -21.39 -23.03
C GLU A 448 17.97 -20.68 -22.20
N GLU A 449 18.36 -19.49 -22.66
CA GLU A 449 19.43 -18.73 -22.03
C GLU A 449 18.93 -17.71 -21.01
N SER A 450 17.61 -17.65 -20.86
CA SER A 450 17.00 -16.91 -19.76
C SER A 450 17.24 -17.68 -18.46
N VAL A 451 17.24 -19.01 -18.56
CA VAL A 451 17.60 -19.89 -17.46
C VAL A 451 19.11 -19.79 -17.19
N MET A 452 19.91 -19.85 -18.25
CA MET A 452 21.36 -19.75 -18.14
C MET A 452 21.84 -18.47 -17.47
N ASN A 453 21.18 -17.35 -17.80
CA ASN A 453 21.45 -16.06 -17.16
C ASN A 453 21.08 -16.11 -15.68
N LEU A 454 19.92 -16.70 -15.40
CA LEU A 454 19.41 -16.84 -14.04
C LEU A 454 20.32 -17.73 -13.19
N ASP A 455 20.76 -18.84 -13.77
CA ASP A 455 21.53 -19.86 -13.05
C ASP A 455 22.95 -19.42 -12.72
N LYS A 456 23.53 -18.59 -13.58
CA LYS A 456 24.87 -18.05 -13.35
C LYS A 456 24.86 -17.02 -12.22
N LEU A 457 23.81 -16.21 -12.17
CA LEU A 457 23.63 -15.20 -11.13
C LEU A 457 23.32 -15.79 -9.75
N ARG A 458 22.76 -17.00 -9.74
CA ARG A 458 22.44 -17.72 -8.51
C ARG A 458 23.71 -18.37 -7.93
N PHE A 459 24.57 -18.87 -8.83
CA PHE A 459 25.80 -19.55 -8.45
C PHE A 459 27.02 -18.63 -8.38
N ALA A 460 26.83 -17.35 -8.74
CA ALA A 460 27.92 -16.39 -8.88
C ALA A 460 29.00 -16.49 -7.79
N ASN A 461 30.24 -16.63 -8.24
CA ASN A 461 31.39 -16.80 -7.36
C ASN A 461 32.51 -15.83 -7.72
N GLY A 462 32.15 -14.57 -7.94
CA GLY A 462 33.07 -13.55 -8.41
C GLY A 462 33.86 -12.84 -7.33
N THR A 463 34.16 -11.56 -7.58
CA THR A 463 35.01 -10.77 -6.69
C THR A 463 34.38 -9.44 -6.26
N ILE A 464 33.49 -8.89 -7.08
CA ILE A 464 32.85 -7.61 -6.80
C ILE A 464 31.41 -7.79 -6.30
N ARG A 465 31.12 -7.25 -5.12
CA ARG A 465 29.81 -7.35 -4.49
C ARG A 465 28.70 -6.68 -5.32
N THR A 466 27.51 -7.29 -5.27
CA THR A 466 26.34 -6.83 -6.03
C THR A 466 25.95 -5.39 -5.69
N SER A 467 25.92 -5.08 -4.40
CA SER A 467 25.51 -3.77 -3.92
C SER A 467 26.53 -2.68 -4.23
N GLU A 468 27.80 -3.09 -4.28
CA GLU A 468 28.91 -2.17 -4.50
C GLU A 468 29.08 -1.78 -5.98
N LEU A 469 28.57 -2.64 -6.86
CA LEU A 469 28.55 -2.35 -8.29
C LEU A 469 27.33 -1.50 -8.66
N ARG A 470 26.27 -1.66 -7.89
CA ARG A 470 25.03 -0.90 -8.06
C ARG A 470 25.25 0.58 -7.78
N LEU A 471 25.87 0.87 -6.63
CA LEU A 471 26.12 2.24 -6.20
C LEU A 471 27.16 2.92 -7.08
N SER A 472 28.03 2.12 -7.70
CA SER A 472 29.01 2.60 -8.67
C SER A 472 28.31 3.18 -9.90
N MET A 473 27.25 2.50 -10.35
CA MET A 473 26.42 2.98 -11.45
C MET A 473 25.64 4.24 -11.04
N GLN A 474 25.03 4.17 -9.85
CA GLN A 474 24.14 5.23 -9.36
C GLN A 474 24.83 6.59 -9.19
N LYS A 475 26.02 6.61 -8.58
CA LYS A 475 26.76 7.85 -8.39
C LYS A 475 27.39 8.36 -9.68
N SER A 476 27.74 7.43 -10.57
CA SER A 476 28.30 7.78 -11.88
C SER A 476 27.26 8.40 -12.79
N MET A 477 26.00 8.01 -12.59
CA MET A 477 24.89 8.60 -13.33
C MET A 477 24.47 9.92 -12.72
N GLN A 478 24.41 9.96 -11.38
CA GLN A 478 23.98 11.15 -10.62
C GLN A 478 24.86 12.38 -10.89
N SER A 479 26.16 12.16 -11.01
CA SER A 479 27.10 13.26 -11.23
C SER A 479 27.27 13.63 -12.71
N HIS A 480 27.32 12.62 -13.58
CA HIS A 480 27.62 12.83 -15.00
C HIS A 480 26.42 13.31 -15.82
N ALA A 481 25.32 12.55 -15.77
CA ALA A 481 24.11 12.91 -16.49
C ALA A 481 23.01 13.35 -15.54
N ALA A 482 23.03 14.63 -15.20
CA ALA A 482 22.06 15.20 -14.26
C ALA A 482 21.18 16.26 -14.93
N VAL A 483 20.73 17.24 -14.14
CA VAL A 483 19.94 18.38 -14.63
C VAL A 483 20.69 19.09 -15.75
N PHE A 484 21.90 19.55 -15.44
CA PHE A 484 22.80 20.14 -16.43
C PHE A 484 23.89 19.14 -16.78
N ARG A 485 24.19 19.02 -18.07
CA ARG A 485 25.21 18.10 -18.56
C ARG A 485 25.94 18.64 -19.77
N VAL A 486 27.24 18.37 -19.84
CA VAL A 486 28.09 18.82 -20.95
C VAL A 486 28.85 17.67 -21.61
N GLY A 487 29.19 17.85 -22.89
CA GLY A 487 29.89 16.84 -23.68
C GLY A 487 31.22 16.38 -23.11
N SER A 488 31.82 17.20 -22.25
CA SER A 488 33.06 16.85 -21.57
C SER A 488 32.81 15.82 -20.47
N VAL A 489 31.78 16.06 -19.66
CA VAL A 489 31.45 15.19 -18.52
C VAL A 489 30.65 13.95 -18.96
N LEU A 490 29.85 14.10 -20.01
CA LEU A 490 29.07 12.99 -20.56
C LEU A 490 29.94 11.93 -21.22
N GLN A 491 30.94 12.37 -21.99
CA GLN A 491 31.91 11.46 -22.63
C GLN A 491 32.63 10.58 -21.60
N GLU A 492 33.07 11.20 -20.51
CA GLU A 492 33.73 10.50 -19.40
C GLU A 492 32.78 9.51 -18.74
N GLY A 493 31.54 9.94 -18.52
CA GLY A 493 30.52 9.10 -17.91
C GLY A 493 30.15 7.89 -18.75
N CYS A 494 30.13 8.08 -20.07
CA CYS A 494 29.83 7.01 -21.02
C CYS A 494 30.81 5.85 -20.93
N GLU A 495 32.11 6.15 -21.07
CA GLU A 495 33.16 5.15 -20.96
C GLU A 495 33.35 4.64 -19.53
N LYS A 496 32.77 5.38 -18.58
CA LYS A 496 32.74 4.96 -17.18
C LYS A 496 31.69 3.87 -16.98
N ILE A 497 30.52 4.06 -17.59
CA ILE A 497 29.43 3.09 -17.52
C ILE A 497 29.70 1.87 -18.40
N LEU A 498 30.31 2.10 -19.56
CA LEU A 498 30.64 1.02 -20.50
C LEU A 498 31.63 0.02 -19.91
N ARG A 499 32.67 0.56 -19.26
CA ARG A 499 33.68 -0.27 -18.59
C ARG A 499 33.08 -0.97 -17.38
N LEU A 500 32.02 -0.39 -16.81
CA LEU A 500 31.28 -0.99 -15.70
C LEU A 500 30.43 -2.19 -16.13
N TYR A 501 29.98 -2.18 -17.38
CA TYR A 501 29.17 -3.28 -17.93
C TYR A 501 30.01 -4.56 -18.06
N GLY A 502 31.30 -4.38 -18.28
CA GLY A 502 32.24 -5.50 -18.30
C GLY A 502 32.51 -6.05 -16.91
N ASP A 503 32.28 -5.21 -15.89
CA ASP A 503 32.46 -5.60 -14.50
C ASP A 503 31.32 -6.46 -13.96
N LEU A 504 30.26 -6.62 -14.76
CA LEU A 504 29.12 -7.47 -14.40
C LEU A 504 29.44 -8.96 -14.42
N GLN A 505 30.50 -9.35 -15.13
CA GLN A 505 30.93 -10.74 -15.16
C GLN A 505 31.88 -11.08 -14.00
N HIS A 506 32.12 -10.09 -13.13
CA HIS A 506 33.03 -10.24 -12.00
C HIS A 506 32.29 -10.25 -10.65
N LEU A 507 30.96 -10.21 -10.69
CA LEU A 507 30.17 -10.02 -9.47
C LEU A 507 30.05 -11.27 -8.58
N LYS A 508 29.90 -11.02 -7.28
CA LYS A 508 29.82 -12.09 -6.27
C LYS A 508 28.45 -12.08 -5.58
N THR A 509 27.77 -13.22 -5.66
CA THR A 509 26.52 -13.43 -4.92
C THR A 509 26.78 -14.37 -3.74
N PHE A 510 25.92 -14.33 -2.73
CA PHE A 510 26.15 -15.06 -1.48
C PHE A 510 25.08 -16.10 -1.16
N ASP A 511 23.88 -15.91 -1.69
CA ASP A 511 22.77 -16.83 -1.46
C ASP A 511 22.76 -17.95 -2.51
N ARG A 512 22.76 -19.19 -2.03
CA ARG A 512 22.70 -20.37 -2.90
C ARG A 512 21.38 -21.11 -2.68
N GLY A 513 20.29 -20.36 -2.54
CA GLY A 513 18.98 -20.92 -2.23
C GLY A 513 17.91 -20.69 -3.28
N MET A 514 16.75 -21.30 -3.07
CA MET A 514 15.65 -21.23 -4.01
C MET A 514 14.52 -20.30 -3.56
N VAL A 515 14.06 -20.50 -2.33
CA VAL A 515 12.96 -19.72 -1.76
C VAL A 515 13.40 -18.28 -1.49
N TRP A 516 12.68 -17.34 -2.10
CA TRP A 516 12.89 -15.90 -1.89
C TRP A 516 14.36 -15.46 -1.87
N ASN A 517 15.03 -15.67 -2.99
CA ASN A 517 16.41 -15.23 -3.15
C ASN A 517 16.45 -13.77 -3.62
N THR A 518 16.27 -12.85 -2.68
CA THR A 518 16.33 -11.41 -3.00
C THR A 518 17.72 -11.00 -3.45
N ASP A 519 18.73 -11.70 -2.94
CA ASP A 519 20.12 -11.54 -3.37
C ASP A 519 20.25 -11.75 -4.88
N LEU A 520 19.43 -12.66 -5.41
CA LEU A 520 19.43 -13.00 -6.84
C LEU A 520 18.54 -12.06 -7.67
N VAL A 521 17.38 -11.68 -7.13
CA VAL A 521 16.43 -10.85 -7.87
C VAL A 521 16.88 -9.39 -7.99
N GLU A 522 17.68 -8.94 -7.02
CA GLU A 522 18.26 -7.60 -7.08
C GLU A 522 19.41 -7.56 -8.09
N THR A 523 20.04 -8.71 -8.32
CA THR A 523 21.07 -8.84 -9.34
C THR A 523 20.43 -8.87 -10.73
N LEU A 524 19.24 -9.47 -10.81
CA LEU A 524 18.44 -9.43 -12.03
C LEU A 524 17.87 -8.03 -12.25
N GLU A 525 17.58 -7.33 -11.15
CA GLU A 525 17.22 -5.92 -11.19
C GLU A 525 18.40 -5.09 -11.68
N LEU A 526 19.61 -5.47 -11.26
CA LEU A 526 20.85 -4.80 -11.65
C LEU A 526 21.10 -4.88 -13.16
N GLN A 527 20.99 -6.09 -13.70
CA GLN A 527 21.17 -6.32 -15.14
C GLN A 527 20.14 -5.52 -15.94
N ASN A 528 18.92 -5.44 -15.40
CA ASN A 528 17.84 -4.69 -16.01
C ASN A 528 17.97 -3.17 -15.83
N LEU A 529 18.77 -2.76 -14.85
CA LEU A 529 19.07 -1.34 -14.62
C LEU A 529 20.20 -0.84 -15.50
N MET A 530 21.28 -1.63 -15.59
CA MET A 530 22.47 -1.27 -16.38
C MET A 530 22.15 -1.00 -17.85
N LEU A 531 21.33 -1.87 -18.44
CA LEU A 531 20.89 -1.72 -19.82
C LEU A 531 20.10 -0.41 -20.00
N CYS A 532 19.29 -0.08 -19.00
CA CYS A 532 18.54 1.18 -19.00
C CYS A 532 19.45 2.38 -18.77
N ALA A 533 20.55 2.16 -18.06
CA ALA A 533 21.53 3.22 -17.79
C ALA A 533 22.39 3.51 -19.02
N LEU A 534 22.88 2.46 -19.68
CA LEU A 534 23.76 2.61 -20.84
C LEU A 534 23.15 3.41 -21.99
N GLN A 535 21.87 3.16 -22.26
CA GLN A 535 21.18 3.85 -23.35
C GLN A 535 20.86 5.30 -22.99
N THR A 536 20.61 5.55 -21.70
CA THR A 536 20.34 6.90 -21.20
C THR A 536 21.58 7.80 -21.33
N ILE A 537 22.74 7.28 -20.93
CA ILE A 537 23.99 8.04 -20.92
C ILE A 537 24.53 8.31 -22.35
N TYR A 538 24.50 7.28 -23.19
CA TYR A 538 24.94 7.39 -24.58
C TYR A 538 24.01 8.27 -25.41
N GLY A 539 22.72 8.20 -25.10
CA GLY A 539 21.71 9.06 -25.74
C GLY A 539 21.90 10.52 -25.39
N ALA A 540 22.32 10.78 -24.15
CA ALA A 540 22.59 12.14 -23.69
C ALA A 540 23.80 12.75 -24.39
N GLU A 541 24.85 11.95 -24.56
CA GLU A 541 26.06 12.36 -25.28
C GLU A 541 25.75 12.67 -26.74
N ALA A 542 24.94 11.82 -27.37
CA ALA A 542 24.62 11.94 -28.80
C ALA A 542 23.80 13.19 -29.11
N ARG A 543 22.82 13.50 -28.26
CA ARG A 543 21.95 14.65 -28.46
C ARG A 543 22.67 15.95 -28.09
N LYS A 544 22.78 16.84 -29.06
CA LYS A 544 23.49 18.12 -28.89
C LYS A 544 22.55 19.30 -29.07
N GLU A 545 21.55 19.38 -28.20
CA GLU A 545 20.57 20.47 -28.19
C GLU A 545 19.96 20.64 -26.79
N SER A 546 19.15 21.69 -26.62
CA SER A 546 18.39 21.89 -25.39
C SER A 546 16.89 21.83 -25.67
N ARG A 547 16.30 20.68 -25.33
CA ARG A 547 14.87 20.45 -25.51
C ARG A 547 14.27 19.84 -24.25
N GLY A 548 13.55 20.65 -23.49
CA GLY A 548 12.87 20.20 -22.28
C GLY A 548 13.83 19.80 -21.17
N ALA A 549 13.67 18.57 -20.69
CA ALA A 549 14.44 18.07 -19.56
C ALA A 549 15.94 17.90 -19.85
N HIS A 550 16.28 17.52 -21.08
CA HIS A 550 17.67 17.36 -21.48
C HIS A 550 18.29 18.72 -21.79
N ALA A 551 19.02 19.27 -20.82
CA ALA A 551 19.65 20.57 -20.96
C ALA A 551 21.16 20.46 -21.15
N ARG A 552 21.66 21.07 -22.22
CA ARG A 552 23.08 21.12 -22.50
C ARG A 552 23.60 22.53 -22.30
N GLU A 553 24.66 22.66 -21.49
CA GLU A 553 25.31 23.95 -21.26
C GLU A 553 26.16 24.37 -22.47
N ASP A 554 26.54 23.40 -23.30
CA ASP A 554 27.33 23.65 -24.50
C ASP A 554 26.45 23.82 -25.75
N PHE A 555 25.24 23.25 -25.71
CA PHE A 555 24.27 23.38 -26.79
C PHE A 555 22.91 23.83 -26.26
N LYS A 556 22.85 25.05 -25.73
CA LYS A 556 21.60 25.60 -25.20
C LYS A 556 20.65 26.08 -26.30
N GLU A 557 20.53 25.27 -27.35
CA GLU A 557 19.76 25.64 -28.53
C GLU A 557 18.57 24.69 -28.75
N ARG A 558 17.41 25.26 -29.03
CA ARG A 558 16.26 24.50 -29.50
C ARG A 558 16.39 24.28 -31.01
N VAL A 559 16.96 23.13 -31.38
CA VAL A 559 17.27 22.84 -32.78
C VAL A 559 16.13 22.09 -33.46
N ASP A 560 15.23 22.86 -34.10
CA ASP A 560 14.11 22.30 -34.85
C ASP A 560 14.44 22.28 -36.34
N GLU A 561 13.42 22.04 -37.17
CA GLU A 561 13.59 22.11 -38.62
C GLU A 561 13.85 23.55 -39.06
N TYR A 562 13.20 24.50 -38.40
CA TYR A 562 13.43 25.92 -38.63
C TYR A 562 13.70 26.64 -37.31
N ASP A 563 14.03 27.94 -37.41
CA ASP A 563 14.02 28.82 -36.25
C ASP A 563 12.60 29.36 -36.08
N TYR A 564 11.86 28.75 -35.15
CA TYR A 564 10.43 29.03 -34.98
C TYR A 564 10.12 30.31 -34.21
N SER A 565 11.12 31.17 -34.04
CA SER A 565 10.91 32.51 -33.47
C SER A 565 10.43 33.46 -34.56
N LYS A 566 11.10 33.43 -35.71
CA LYS A 566 10.68 34.19 -36.89
C LYS A 566 9.67 33.38 -37.72
N PRO A 567 8.82 34.08 -38.49
CA PRO A 567 7.82 33.37 -39.30
C PRO A 567 8.45 32.53 -40.41
N ILE A 568 7.98 31.28 -40.54
CA ILE A 568 8.50 30.35 -41.54
C ILE A 568 7.86 30.57 -42.92
N GLN A 569 8.63 31.20 -43.81
CA GLN A 569 8.25 31.39 -45.21
C GLN A 569 9.48 31.30 -46.10
N GLY A 570 10.38 32.26 -45.95
CA GLY A 570 11.62 32.31 -46.75
C GLY A 570 12.68 31.30 -46.33
N GLN A 571 12.54 30.77 -45.12
CA GLN A 571 13.45 29.75 -44.59
C GLN A 571 13.40 28.48 -45.42
N GLN A 572 14.56 27.85 -45.58
CA GLN A 572 14.64 26.55 -46.24
C GLN A 572 14.74 25.45 -45.19
N LYS A 573 14.03 24.35 -45.43
CA LYS A 573 13.95 23.23 -44.49
C LYS A 573 15.26 22.47 -44.36
N LYS A 574 15.56 22.03 -43.14
CA LYS A 574 16.72 21.19 -42.87
C LYS A 574 16.39 19.74 -43.20
N PRO A 575 17.40 18.94 -43.59
CA PRO A 575 17.18 17.50 -43.77
C PRO A 575 17.06 16.79 -42.41
N PHE A 576 16.57 15.56 -42.43
CA PHE A 576 16.29 14.80 -41.20
C PHE A 576 17.51 14.58 -40.32
N GLN A 577 18.65 14.25 -40.94
CA GLN A 577 19.87 13.94 -40.20
C GLN A 577 20.70 15.20 -39.86
N GLU A 578 20.03 16.34 -39.75
CA GLU A 578 20.68 17.61 -39.44
C GLU A 578 20.08 18.30 -38.22
N HIS A 579 18.76 18.31 -38.12
CA HIS A 579 18.07 18.86 -36.95
C HIS A 579 17.85 17.78 -35.89
N TRP A 580 17.36 18.17 -34.72
CA TRP A 580 17.23 17.25 -33.58
C TRP A 580 15.80 16.98 -33.12
N ARG A 581 14.81 17.55 -33.81
CA ARG A 581 13.41 17.32 -33.47
C ARG A 581 12.96 15.95 -33.96
N LYS A 582 13.43 14.92 -33.27
CA LYS A 582 13.20 13.52 -33.61
C LYS A 582 13.41 12.64 -32.38
N HIS A 583 12.82 11.45 -32.40
CA HIS A 583 12.92 10.50 -31.30
C HIS A 583 14.21 9.70 -31.33
N THR A 584 14.86 9.57 -30.17
CA THR A 584 16.07 8.79 -30.04
C THR A 584 15.73 7.32 -29.89
N LEU A 585 16.14 6.51 -30.86
CA LEU A 585 15.95 5.06 -30.79
C LEU A 585 17.28 4.37 -30.57
N SER A 586 17.38 3.64 -29.45
CA SER A 586 18.62 2.99 -29.06
C SER A 586 18.49 1.48 -28.99
N TYR A 587 19.57 0.81 -29.38
CA TYR A 587 19.71 -0.64 -29.23
C TYR A 587 20.99 -0.91 -28.45
N VAL A 588 21.09 -2.10 -27.86
CA VAL A 588 22.34 -2.51 -27.23
C VAL A 588 22.67 -3.97 -27.51
N ASP A 589 23.91 -4.22 -27.92
CA ASP A 589 24.42 -5.58 -28.05
C ASP A 589 24.72 -6.08 -26.65
N VAL A 590 24.12 -7.21 -26.29
CA VAL A 590 24.16 -7.73 -24.93
C VAL A 590 25.57 -8.19 -24.50
N LYS A 591 26.33 -8.77 -25.44
CA LYS A 591 27.65 -9.31 -25.14
C LYS A 591 28.72 -8.21 -25.02
N THR A 592 28.92 -7.44 -26.10
CA THR A 592 29.92 -6.37 -26.10
C THR A 592 29.52 -5.22 -25.18
N GLY A 593 28.24 -4.86 -25.22
CA GLY A 593 27.71 -3.78 -24.41
C GLY A 593 27.64 -2.45 -25.13
N LYS A 594 28.23 -2.39 -26.33
CA LYS A 594 28.31 -1.15 -27.10
C LYS A 594 26.94 -0.75 -27.64
N VAL A 595 26.59 0.52 -27.43
CA VAL A 595 25.28 1.05 -27.78
C VAL A 595 25.25 1.59 -29.21
N SER A 596 24.44 0.96 -30.06
CA SER A 596 24.16 1.45 -31.39
C SER A 596 22.80 2.13 -31.40
N LEU A 597 22.75 3.37 -31.87
CA LEU A 597 21.52 4.16 -31.81
C LEU A 597 21.20 4.90 -33.11
N GLU A 598 19.93 4.88 -33.49
CA GLU A 598 19.42 5.62 -34.65
C GLU A 598 18.25 6.52 -34.23
N TYR A 599 17.52 7.05 -35.22
CA TYR A 599 16.45 8.01 -34.93
C TYR A 599 15.20 7.84 -35.81
N ARG A 600 14.07 8.29 -35.28
CA ARG A 600 12.80 8.30 -36.02
C ARG A 600 12.05 9.62 -35.82
N PRO A 601 11.22 10.02 -36.82
CA PRO A 601 10.55 11.32 -36.77
C PRO A 601 9.42 11.41 -35.74
N VAL A 602 9.17 12.63 -35.28
CA VAL A 602 8.06 12.92 -34.37
C VAL A 602 6.75 13.01 -35.14
N ILE A 603 5.68 12.46 -34.55
CA ILE A 603 4.35 12.55 -35.14
C ILE A 603 3.78 13.92 -34.84
N ASP A 604 3.54 14.69 -35.90
CA ASP A 604 3.00 16.05 -35.76
C ASP A 604 1.54 16.15 -36.15
N LYS A 605 1.05 15.14 -36.87
CA LYS A 605 -0.37 15.07 -37.23
C LYS A 605 -1.23 14.69 -36.03
N THR A 606 -2.45 15.23 -36.00
CA THR A 606 -3.44 14.87 -34.98
C THR A 606 -4.30 13.71 -35.48
N LEU A 607 -5.27 13.29 -34.68
CA LEU A 607 -6.23 12.29 -35.12
C LEU A 607 -7.21 12.90 -36.14
N ASN A 608 -7.90 13.95 -35.72
CA ASN A 608 -8.76 14.70 -36.62
C ASN A 608 -8.45 16.19 -36.56
N GLU A 609 -7.95 16.72 -37.67
CA GLU A 609 -7.55 18.12 -37.77
C GLU A 609 -8.70 19.07 -37.44
N ALA A 610 -9.89 18.73 -37.90
CA ALA A 610 -11.09 19.54 -37.70
C ALA A 610 -11.48 19.65 -36.23
N ASP A 611 -11.51 18.52 -35.54
CA ASP A 611 -11.90 18.47 -34.13
C ASP A 611 -10.81 18.99 -33.20
N CYS A 612 -9.55 18.87 -33.64
CA CYS A 612 -8.39 19.31 -32.86
C CYS A 612 -7.22 19.62 -33.79
N ALA A 613 -6.88 20.91 -33.88
CA ALA A 613 -5.84 21.38 -34.80
C ALA A 613 -4.43 21.08 -34.30
N THR A 614 -3.52 20.85 -35.25
CA THR A 614 -2.11 20.66 -34.98
C THR A 614 -1.48 21.96 -34.47
N VAL A 615 -0.71 21.86 -33.38
CA VAL A 615 -0.01 23.02 -32.84
C VAL A 615 1.47 22.98 -33.27
N PRO A 616 1.89 23.94 -34.11
CA PRO A 616 3.26 24.01 -34.60
C PRO A 616 4.24 24.50 -33.53
N PRO A 617 5.54 24.17 -33.66
CA PRO A 617 6.57 24.63 -32.73
C PRO A 617 6.59 26.15 -32.52
N ALA A 618 6.86 26.58 -31.29
CA ALA A 618 6.86 28.00 -30.93
C ALA A 618 7.95 28.32 -29.91
N ILE A 619 7.84 29.50 -29.30
CA ILE A 619 8.78 29.98 -28.28
C ILE A 619 8.66 29.11 -27.02
N ARG A 620 9.81 28.75 -26.45
CA ARG A 620 9.87 27.89 -25.27
C ARG A 620 10.24 28.67 -24.00
N SER A 621 9.22 29.12 -23.27
CA SER A 621 9.38 29.87 -22.03
C SER A 621 8.05 30.02 -21.29
N TYR A 622 8.13 30.36 -19.99
CA TYR A 622 6.94 30.61 -19.17
C TYR A 622 7.11 31.84 -18.29
N PRO B 9 32.61 7.55 15.60
CA PRO B 9 32.21 6.16 15.82
C PRO B 9 31.05 6.05 16.81
N ARG B 10 29.99 5.35 16.39
CA ARG B 10 28.78 5.19 17.20
C ARG B 10 27.99 3.95 16.73
N ILE B 11 28.00 2.89 17.55
CA ILE B 11 27.51 1.58 17.13
C ILE B 11 26.14 1.21 17.73
N LYS B 12 25.34 0.49 16.94
CA LYS B 12 24.01 0.02 17.36
C LYS B 12 23.84 -1.47 17.07
N LYS B 13 23.09 -2.16 17.93
CA LYS B 13 22.91 -3.62 17.83
C LYS B 13 21.51 -4.02 17.36
N PHE B 14 21.46 -5.01 16.46
CA PHE B 14 20.19 -5.52 15.93
C PHE B 14 20.11 -7.04 15.98
N ALA B 15 19.10 -7.55 16.66
CA ALA B 15 18.83 -9.00 16.72
C ALA B 15 17.67 -9.35 15.80
N ILE B 16 17.93 -10.21 14.81
CA ILE B 16 16.95 -10.51 13.77
C ILE B 16 16.62 -12.01 13.67
N TYR B 17 15.32 -12.28 13.53
CA TYR B 17 14.79 -13.63 13.33
C TYR B 17 15.24 -14.17 11.97
N ARG B 18 15.89 -15.33 11.99
CA ARG B 18 16.43 -15.95 10.78
C ARG B 18 15.97 -17.38 10.59
N TRP B 19 15.51 -17.68 9.37
CA TRP B 19 15.12 -19.04 8.99
C TRP B 19 15.31 -19.29 7.50
N ASP B 20 16.21 -20.23 7.17
CA ASP B 20 16.46 -20.63 5.80
C ASP B 20 15.71 -21.94 5.49
N PRO B 21 14.84 -21.93 4.47
CA PRO B 21 14.06 -23.10 4.11
C PRO B 21 14.82 -24.09 3.21
N ASP B 22 15.99 -23.68 2.71
CA ASP B 22 16.80 -24.50 1.81
C ASP B 22 17.59 -25.58 2.56
N LYS B 23 18.28 -25.17 3.63
CA LYS B 23 19.00 -26.11 4.49
C LYS B 23 18.01 -26.83 5.41
N THR B 24 17.90 -28.14 5.27
CA THR B 24 16.98 -28.94 6.08
C THR B 24 17.52 -29.06 7.51
N GLY B 25 16.61 -29.00 8.49
CA GLY B 25 16.98 -29.08 9.89
C GLY B 25 17.34 -27.75 10.50
N ASP B 26 17.44 -26.72 9.65
CA ASP B 26 17.76 -25.37 10.08
C ASP B 26 16.57 -24.76 10.82
N LYS B 27 16.60 -24.86 12.15
CA LYS B 27 15.55 -24.32 13.00
C LYS B 27 15.74 -22.81 13.22
N PRO B 28 14.62 -22.06 13.37
CA PRO B 28 14.67 -20.60 13.57
C PRO B 28 15.54 -20.16 14.74
N HIS B 29 16.56 -19.35 14.45
CA HIS B 29 17.46 -18.83 15.47
C HIS B 29 17.66 -17.31 15.30
N MET B 30 18.51 -16.73 16.15
CA MET B 30 18.76 -15.29 16.13
C MET B 30 20.19 -14.97 15.71
N GLN B 31 20.33 -13.90 14.92
CA GLN B 31 21.64 -13.44 14.45
C GLN B 31 21.80 -11.95 14.68
N THR B 32 22.95 -11.57 15.24
CA THR B 32 23.23 -10.18 15.61
C THR B 32 24.07 -9.45 14.56
N TYR B 33 23.77 -8.17 14.37
CA TYR B 33 24.50 -7.32 13.42
C TYR B 33 24.76 -5.94 14.03
N GLU B 34 25.93 -5.38 13.73
CA GLU B 34 26.34 -4.08 14.25
C GLU B 34 26.63 -3.06 13.15
N ILE B 35 26.05 -1.87 13.29
CA ILE B 35 26.12 -0.82 12.26
C ILE B 35 26.23 0.59 12.86
N ASP B 36 27.11 1.41 12.28
CA ASP B 36 27.28 2.80 12.72
C ASP B 36 26.11 3.67 12.26
N LEU B 37 25.58 4.47 13.18
CA LEU B 37 24.39 5.30 12.91
C LEU B 37 24.67 6.60 12.13
N ASN B 38 25.94 7.02 12.11
CA ASN B 38 26.34 8.19 11.32
C ASN B 38 26.40 7.85 9.84
N ASN B 39 26.61 6.58 9.53
CA ASN B 39 26.68 6.08 8.16
C ASN B 39 25.34 5.51 7.66
N CYS B 40 24.34 5.57 8.53
CA CYS B 40 23.03 4.97 8.25
C CYS B 40 21.89 5.98 8.41
N GLY B 41 20.78 5.72 7.71
CA GLY B 41 19.58 6.54 7.83
C GLY B 41 18.87 6.31 9.15
N PRO B 42 17.95 7.22 9.53
CA PRO B 42 17.29 7.17 10.84
C PRO B 42 16.36 5.97 11.03
N MET B 43 15.80 5.47 9.93
CA MET B 43 14.77 4.43 9.98
C MET B 43 15.33 3.01 10.03
N VAL B 44 14.49 2.08 10.47
CA VAL B 44 14.87 0.67 10.62
C VAL B 44 15.10 0.01 9.26
N LEU B 45 14.35 0.44 8.25
CA LEU B 45 14.52 -0.07 6.88
C LEU B 45 15.90 0.27 6.32
N ASP B 46 16.40 1.47 6.64
CA ASP B 46 17.74 1.88 6.24
C ASP B 46 18.80 0.95 6.82
N ALA B 47 18.58 0.52 8.07
CA ALA B 47 19.46 -0.40 8.76
C ALA B 47 19.45 -1.80 8.13
N LEU B 48 18.24 -2.28 7.82
CA LEU B 48 18.06 -3.59 7.18
C LEU B 48 18.74 -3.65 5.81
N ILE B 49 18.58 -2.58 5.04
CA ILE B 49 19.22 -2.45 3.72
C ILE B 49 20.74 -2.45 3.85
N LYS B 50 21.24 -1.74 4.85
CA LYS B 50 22.69 -1.59 5.07
C LYS B 50 23.38 -2.93 5.37
N ILE B 51 22.78 -3.74 6.23
CA ILE B 51 23.35 -5.06 6.55
C ILE B 51 23.08 -6.06 5.43
N LYS B 52 22.05 -5.79 4.63
CA LYS B 52 21.75 -6.56 3.42
C LYS B 52 22.80 -6.26 2.34
N ASN B 53 23.17 -4.99 2.22
CA ASN B 53 24.09 -4.53 1.18
C ASN B 53 25.57 -4.74 1.49
N GLU B 54 25.92 -4.74 2.78
CA GLU B 54 27.33 -4.76 3.19
C GLU B 54 27.75 -6.06 3.87
N ILE B 55 27.07 -6.40 4.96
CA ILE B 55 27.49 -7.49 5.84
C ILE B 55 27.06 -8.86 5.32
N ASP B 56 25.75 -9.04 5.08
CA ASP B 56 25.21 -10.32 4.64
C ASP B 56 24.05 -10.16 3.66
N SER B 57 24.28 -10.59 2.42
CA SER B 57 23.24 -10.60 1.39
C SER B 57 22.54 -11.97 1.36
N THR B 58 22.00 -12.36 2.51
CA THR B 58 21.20 -13.57 2.65
C THR B 58 19.95 -13.21 3.45
N LEU B 59 19.93 -11.99 4.00
CA LEU B 59 18.78 -11.46 4.69
C LEU B 59 17.69 -11.09 3.69
N THR B 60 16.47 -11.56 3.96
CA THR B 60 15.36 -11.39 3.04
C THR B 60 14.24 -10.59 3.71
N PHE B 61 13.69 -9.63 2.96
CA PHE B 61 12.56 -8.84 3.43
C PHE B 61 11.84 -8.14 2.27
N ARG B 62 10.57 -7.80 2.48
CA ARG B 62 9.79 -7.05 1.51
C ARG B 62 9.98 -5.56 1.72
N ARG B 63 10.30 -4.85 0.65
CA ARG B 63 10.47 -3.39 0.69
C ARG B 63 10.16 -2.77 -0.67
N SER B 64 9.73 -1.51 -0.66
CA SER B 64 9.42 -0.80 -1.89
C SER B 64 9.55 0.73 -1.76
N CYS B 65 8.52 1.36 -1.19
CA CYS B 65 8.36 2.82 -1.26
C CYS B 65 9.27 3.63 -0.35
N ARG B 66 9.77 3.00 0.72
CA ARG B 66 10.46 3.70 1.81
C ARG B 66 9.85 5.08 2.11
N GLU B 67 8.52 5.14 2.10
CA GLU B 67 7.77 6.37 2.30
C GLU B 67 6.65 6.13 3.30
N GLY B 68 6.33 4.86 3.51
CA GLY B 68 5.28 4.46 4.44
C GLY B 68 3.91 4.50 3.80
N ILE B 69 3.82 3.99 2.58
CA ILE B 69 2.55 3.88 1.85
C ILE B 69 2.46 2.62 0.96
N CYS B 70 3.01 1.51 1.44
CA CYS B 70 2.89 0.22 0.74
C CYS B 70 2.37 -0.87 1.66
N GLY B 71 3.05 -1.04 2.80
CA GLY B 71 2.78 -2.16 3.69
C GLY B 71 3.74 -3.31 3.42
N SER B 72 4.80 -3.01 2.67
CA SER B 72 5.81 -3.99 2.31
C SER B 72 6.73 -4.33 3.47
N CYS B 73 7.23 -3.29 4.13
CA CYS B 73 8.18 -3.46 5.24
C CYS B 73 7.48 -3.56 6.61
N ALA B 74 6.31 -4.20 6.62
CA ALA B 74 5.54 -4.37 7.86
C ALA B 74 6.07 -5.55 8.65
N MET B 75 6.53 -5.27 9.87
CA MET B 75 7.15 -6.29 10.71
C MET B 75 6.98 -5.98 12.20
N ASN B 76 7.45 -6.90 13.05
CA ASN B 76 7.40 -6.71 14.49
C ASN B 76 8.75 -6.25 15.05
N ILE B 77 8.88 -4.93 15.21
CA ILE B 77 10.11 -4.34 15.74
C ILE B 77 9.87 -3.88 17.19
N ASN B 78 10.69 -4.40 18.10
CA ASN B 78 10.65 -4.05 19.53
C ASN B 78 9.32 -4.34 20.21
N GLY B 79 8.60 -5.35 19.71
CA GLY B 79 7.34 -5.79 20.29
C GLY B 79 6.08 -5.22 19.64
N GLY B 80 6.26 -4.33 18.67
CA GLY B 80 5.14 -3.68 18.00
C GLY B 80 5.16 -3.85 16.49
N ASN B 81 3.97 -3.84 15.88
CA ASN B 81 3.84 -3.99 14.44
C ASN B 81 3.66 -2.66 13.73
N THR B 82 4.73 -2.15 13.13
CA THR B 82 4.67 -0.93 12.31
C THR B 82 5.46 -1.14 11.01
N LEU B 83 5.72 -0.04 10.31
CA LEU B 83 6.53 -0.07 9.10
C LEU B 83 7.97 0.25 9.44
N ALA B 84 8.91 -0.40 8.76
CA ALA B 84 10.34 -0.21 8.99
C ALA B 84 10.86 1.12 8.48
N CYS B 85 10.20 1.67 7.45
CA CYS B 85 10.57 2.96 6.89
C CYS B 85 9.92 4.13 7.60
N THR B 86 8.96 3.84 8.48
CA THR B 86 8.29 4.87 9.27
C THR B 86 8.91 4.96 10.67
N ARG B 87 9.06 3.81 11.33
CA ARG B 87 9.64 3.76 12.67
C ARG B 87 11.14 3.93 12.60
N ARG B 88 11.69 4.68 13.55
CA ARG B 88 13.13 4.97 13.58
C ARG B 88 13.88 4.16 14.63
N ILE B 89 15.17 3.95 14.39
CA ILE B 89 16.03 3.24 15.31
C ILE B 89 16.17 4.04 16.60
N ASP B 90 16.04 3.34 17.74
CA ASP B 90 16.25 3.95 19.04
C ASP B 90 17.73 4.26 19.21
N THR B 91 18.05 5.55 19.24
CA THR B 91 19.44 6.02 19.33
C THR B 91 20.18 5.54 20.58
N ASN B 92 19.44 4.87 21.47
CA ASN B 92 20.02 4.21 22.64
C ASN B 92 20.94 3.07 22.22
N LEU B 93 22.23 3.24 22.52
CA LEU B 93 23.29 2.41 21.93
C LEU B 93 23.44 1.03 22.57
N ASP B 94 23.30 0.97 23.89
CA ASP B 94 23.51 -0.26 24.64
C ASP B 94 22.41 -1.30 24.43
N LYS B 95 21.19 -0.83 24.19
CA LYS B 95 20.03 -1.72 24.01
C LYS B 95 19.98 -2.27 22.58
N VAL B 96 19.73 -3.57 22.48
CA VAL B 96 19.64 -4.26 21.20
C VAL B 96 18.19 -4.27 20.67
N SER B 97 18.02 -3.83 19.42
CA SER B 97 16.70 -3.79 18.78
C SER B 97 16.33 -5.14 18.16
N LYS B 98 15.23 -5.70 18.64
CA LYS B 98 14.76 -7.02 18.19
C LYS B 98 13.73 -6.90 17.06
N ILE B 99 14.02 -7.54 15.93
CA ILE B 99 13.16 -7.52 14.76
C ILE B 99 12.64 -8.92 14.42
N TYR B 100 11.31 -9.05 14.40
CA TYR B 100 10.64 -10.31 14.10
C TYR B 100 9.64 -10.13 12.97
N PRO B 101 9.30 -11.22 12.25
CA PRO B 101 8.19 -11.18 11.30
C PRO B 101 6.84 -11.08 12.02
N LEU B 102 5.85 -10.51 11.34
CA LEU B 102 4.50 -10.33 11.89
C LEU B 102 4.01 -11.58 12.64
N PRO B 103 3.45 -11.40 13.85
CA PRO B 103 3.08 -12.48 14.78
C PRO B 103 2.04 -13.47 14.25
N HIS B 104 2.10 -14.69 14.77
CA HIS B 104 1.21 -15.80 14.40
C HIS B 104 0.90 -15.84 12.91
N MET B 105 1.95 -15.93 12.10
CA MET B 105 1.83 -16.03 10.66
C MET B 105 2.84 -17.01 10.11
N TYR B 106 2.44 -17.76 9.08
CA TYR B 106 3.33 -18.72 8.45
C TYR B 106 4.48 -18.01 7.75
N VAL B 107 5.70 -18.42 8.08
CA VAL B 107 6.90 -17.76 7.55
C VAL B 107 7.42 -18.51 6.32
N ILE B 108 7.49 -17.80 5.20
CA ILE B 108 8.01 -18.36 3.95
C ILE B 108 9.53 -18.44 4.04
N LYS B 109 10.13 -17.32 4.39
CA LYS B 109 11.56 -17.20 4.69
C LYS B 109 11.66 -16.05 5.66
N ASP B 110 12.71 -16.04 6.49
CA ASP B 110 12.88 -15.02 7.54
C ASP B 110 12.33 -13.64 7.19
N LEU B 111 11.45 -13.12 8.04
CA LEU B 111 10.84 -11.79 7.89
C LEU B 111 9.78 -11.64 6.78
N VAL B 112 9.67 -12.65 5.92
CA VAL B 112 8.69 -12.63 4.83
C VAL B 112 7.56 -13.62 5.12
N PRO B 113 6.40 -13.10 5.54
CA PRO B 113 5.25 -13.95 5.91
C PRO B 113 4.25 -14.17 4.77
N ASP B 114 3.53 -15.29 4.84
CA ASP B 114 2.48 -15.62 3.88
C ASP B 114 1.23 -14.81 4.19
N LEU B 115 0.78 -14.04 3.20
CA LEU B 115 -0.38 -13.16 3.38
C LEU B 115 -1.55 -13.58 2.48
N SER B 116 -1.45 -14.77 1.88
CA SER B 116 -2.45 -15.29 0.93
C SER B 116 -3.85 -15.30 1.54
N ASN B 117 -3.95 -15.72 2.79
CA ASN B 117 -5.22 -15.71 3.52
C ASN B 117 -5.70 -14.30 3.77
N PHE B 118 -4.78 -13.42 4.16
CA PHE B 118 -5.08 -12.02 4.45
C PHE B 118 -5.67 -11.32 3.23
N TYR B 119 -5.07 -11.55 2.05
CA TYR B 119 -5.53 -10.93 0.81
C TYR B 119 -6.85 -11.52 0.32
N ALA B 120 -7.04 -12.81 0.54
CA ALA B 120 -8.25 -13.51 0.12
C ALA B 120 -9.48 -13.09 0.91
N GLN B 121 -9.26 -12.71 2.17
CA GLN B 121 -10.31 -12.17 3.03
C GLN B 121 -10.80 -10.82 2.53
N TYR B 122 -9.86 -10.00 2.06
CA TYR B 122 -10.18 -8.70 1.47
C TYR B 122 -10.99 -8.86 0.20
N LYS B 123 -10.79 -9.98 -0.49
CA LYS B 123 -11.53 -10.32 -1.69
C LYS B 123 -12.98 -10.67 -1.34
N SER B 124 -13.16 -11.40 -0.23
CA SER B 124 -14.47 -11.92 0.16
C SER B 124 -15.45 -10.89 0.70
N ILE B 125 -14.95 -9.71 1.03
CA ILE B 125 -15.80 -8.62 1.53
C ILE B 125 -16.29 -7.69 0.42
N GLU B 126 -15.84 -7.96 -0.81
CA GLU B 126 -16.26 -7.22 -2.01
C GLU B 126 -15.99 -5.72 -1.92
N PRO B 127 -14.73 -5.31 -2.13
CA PRO B 127 -14.31 -3.92 -1.98
C PRO B 127 -14.40 -3.09 -3.27
N TYR B 128 -15.62 -2.90 -3.76
CA TYR B 128 -15.87 -2.09 -4.95
C TYR B 128 -17.27 -1.49 -4.89
N LEU B 129 -17.47 -0.39 -5.60
CA LEU B 129 -18.76 0.27 -5.63
C LEU B 129 -19.76 -0.60 -6.39
N LYS B 130 -20.86 -0.94 -5.72
CA LYS B 130 -21.92 -1.74 -6.33
C LYS B 130 -23.20 -0.93 -6.48
N LYS B 131 -23.79 -1.00 -7.67
CA LYS B 131 -25.00 -0.25 -7.98
C LYS B 131 -26.12 -1.17 -8.48
N LYS B 132 -27.30 -0.60 -8.68
CA LYS B 132 -28.40 -1.31 -9.31
C LYS B 132 -28.29 -1.18 -10.83
N ASP B 133 -27.78 -0.03 -11.29
CA ASP B 133 -27.53 0.21 -12.71
C ASP B 133 -26.04 0.16 -13.03
N GLU B 134 -25.69 -0.67 -14.01
CA GLU B 134 -24.33 -0.70 -14.56
C GLU B 134 -24.38 -0.28 -16.03
N SER B 135 -25.53 0.27 -16.43
CA SER B 135 -25.76 0.71 -17.79
C SER B 135 -25.49 2.21 -17.96
N GLN B 136 -25.86 2.98 -16.94
CA GLN B 136 -25.70 4.43 -16.97
C GLN B 136 -24.36 4.89 -16.37
N GLU B 137 -23.49 3.93 -16.08
CA GLU B 137 -22.20 4.22 -15.47
C GLU B 137 -21.10 4.51 -16.49
N GLY B 138 -20.02 5.13 -16.03
CA GLY B 138 -18.87 5.45 -16.87
C GLY B 138 -19.01 6.75 -17.63
N LYS B 139 -20.25 7.22 -17.80
CA LYS B 139 -20.52 8.40 -18.61
C LYS B 139 -20.76 9.70 -17.82
N GLN B 140 -21.41 9.58 -16.66
CA GLN B 140 -21.59 10.72 -15.77
C GLN B 140 -21.01 10.48 -14.38
N GLN B 141 -20.52 11.54 -13.75
CA GLN B 141 -19.96 11.46 -12.40
C GLN B 141 -21.05 11.42 -11.33
N TYR B 142 -20.89 10.53 -10.36
CA TYR B 142 -21.81 10.45 -9.24
C TYR B 142 -21.62 11.64 -8.32
N LEU B 143 -22.74 12.14 -7.78
CA LEU B 143 -22.70 13.29 -6.87
C LEU B 143 -22.49 12.83 -5.43
N GLN B 144 -21.71 13.61 -4.69
CA GLN B 144 -21.40 13.32 -3.30
C GLN B 144 -21.02 14.62 -2.59
N SER B 145 -21.82 15.00 -1.59
CA SER B 145 -21.56 16.23 -0.84
C SER B 145 -20.33 16.08 0.05
N ILE B 146 -19.71 17.21 0.39
CA ILE B 146 -18.48 17.22 1.19
C ILE B 146 -18.61 16.49 2.52
N GLU B 147 -19.79 16.56 3.13
CA GLU B 147 -20.08 15.88 4.39
C GLU B 147 -20.11 14.36 4.22
N GLU B 148 -20.73 13.90 3.14
CA GLU B 148 -20.77 12.47 2.79
C GLU B 148 -19.36 11.97 2.45
N ARG B 149 -18.55 12.85 1.88
CA ARG B 149 -17.16 12.56 1.57
C ARG B 149 -16.31 12.51 2.84
N GLU B 150 -16.65 13.35 3.82
CA GLU B 150 -15.92 13.41 5.09
C GLU B 150 -16.02 12.14 5.92
N LYS B 151 -17.07 11.36 5.69
CA LYS B 151 -17.29 10.11 6.42
C LYS B 151 -16.32 9.02 5.99
N LEU B 152 -15.70 9.22 4.83
CA LEU B 152 -14.70 8.30 4.30
C LEU B 152 -13.30 8.58 4.86
N ASP B 153 -13.12 9.76 5.45
CA ASP B 153 -11.84 10.17 6.03
C ASP B 153 -11.45 9.26 7.19
N GLY B 154 -10.18 8.86 7.21
CA GLY B 154 -9.68 7.92 8.22
C GLY B 154 -9.99 6.48 7.90
N LEU B 155 -10.41 6.22 6.66
CA LEU B 155 -10.79 4.87 6.22
C LEU B 155 -10.20 4.52 4.85
N TYR B 156 -10.17 5.50 3.95
CA TYR B 156 -9.61 5.29 2.60
C TYR B 156 -8.08 5.17 2.61
N GLU B 157 -7.46 5.70 3.66
CA GLU B 157 -6.00 5.78 3.77
C GLU B 157 -5.35 4.43 4.09
N CYS B 158 -6.13 3.48 4.61
CA CYS B 158 -5.62 2.15 4.95
C CYS B 158 -4.82 1.57 3.80
N ILE B 159 -3.58 1.18 4.11
CA ILE B 159 -2.64 0.75 3.09
C ILE B 159 -2.58 -0.78 2.97
N LEU B 160 -3.29 -1.46 3.87
CA LEU B 160 -3.29 -2.92 3.99
C LEU B 160 -1.90 -3.46 4.37
N CYS B 161 -1.33 -2.85 5.40
CA CYS B 161 0.01 -3.22 5.88
C CYS B 161 -0.03 -4.54 6.65
N ALA B 162 -1.20 -4.87 7.17
CA ALA B 162 -1.41 -6.09 7.96
C ALA B 162 -0.67 -6.10 9.31
N CYS B 163 -0.26 -4.91 9.75
CA CYS B 163 0.19 -4.71 11.13
C CYS B 163 -1.02 -4.85 12.04
N CYS B 164 -2.18 -4.50 11.48
CA CYS B 164 -3.45 -4.48 12.16
C CYS B 164 -3.87 -5.84 12.66
N SER B 165 -4.30 -6.69 11.72
CA SER B 165 -4.87 -8.00 12.04
C SER B 165 -3.85 -8.94 12.68
N THR B 166 -2.58 -8.75 12.37
CA THR B 166 -1.52 -9.58 12.96
C THR B 166 -1.26 -9.24 14.43
N SER B 167 -1.84 -8.13 14.90
CA SER B 167 -1.73 -7.73 16.30
C SER B 167 -2.96 -8.14 17.10
N CYS B 168 -4.03 -8.51 16.39
CA CYS B 168 -5.28 -8.90 17.02
C CYS B 168 -5.21 -10.31 17.60
N PRO B 169 -5.48 -10.45 18.90
CA PRO B 169 -5.43 -11.74 19.60
C PRO B 169 -6.45 -12.72 19.04
N SER B 170 -7.65 -12.23 18.69
CA SER B 170 -8.67 -13.05 18.06
C SER B 170 -8.24 -13.54 16.68
N TYR B 171 -7.49 -12.72 15.96
CA TYR B 171 -6.99 -13.08 14.64
C TYR B 171 -5.91 -14.16 14.72
N TRP B 172 -5.19 -14.23 15.84
CA TRP B 172 -4.19 -15.28 16.05
C TRP B 172 -4.85 -16.64 16.11
N TRP B 173 -5.71 -16.83 17.11
CA TRP B 173 -6.38 -18.11 17.32
C TRP B 173 -7.34 -18.42 16.18
N ASN B 174 -8.01 -17.39 15.68
CA ASN B 174 -9.02 -17.56 14.63
C ASN B 174 -8.66 -16.85 13.32
N GLY B 175 -7.49 -17.18 12.79
CA GLY B 175 -7.02 -16.60 11.52
C GLY B 175 -7.85 -17.04 10.32
N ASP B 176 -8.45 -18.22 10.44
CA ASP B 176 -9.18 -18.85 9.34
C ASP B 176 -10.55 -18.23 9.05
N LYS B 177 -11.39 -18.11 10.07
CA LYS B 177 -12.80 -17.76 9.90
C LYS B 177 -13.11 -16.31 10.23
N TYR B 178 -12.32 -15.72 11.11
CA TYR B 178 -12.47 -14.32 11.48
C TYR B 178 -11.64 -13.41 10.57
N LEU B 179 -12.27 -12.36 10.08
CA LEU B 179 -11.70 -11.48 9.05
C LEU B 179 -10.57 -10.58 9.56
N GLY B 180 -10.76 -10.02 10.75
CA GLY B 180 -9.76 -9.11 11.33
C GLY B 180 -10.01 -7.66 10.98
N PRO B 181 -9.50 -6.75 11.84
CA PRO B 181 -9.77 -5.31 11.80
C PRO B 181 -9.55 -4.66 10.44
N ALA B 182 -8.35 -4.79 9.89
CA ALA B 182 -7.99 -4.20 8.60
C ALA B 182 -9.05 -4.47 7.53
N VAL B 183 -9.40 -5.75 7.38
CA VAL B 183 -10.38 -6.19 6.40
C VAL B 183 -11.77 -5.66 6.74
N LEU B 184 -12.13 -5.72 8.03
CA LEU B 184 -13.43 -5.27 8.49
C LEU B 184 -13.62 -3.77 8.32
N MET B 185 -12.54 -3.00 8.52
CA MET B 185 -12.60 -1.55 8.39
C MET B 185 -12.90 -1.15 6.95
N GLN B 186 -12.37 -1.93 6.00
CA GLN B 186 -12.64 -1.71 4.58
C GLN B 186 -14.07 -2.09 4.21
N ALA B 187 -14.57 -3.15 4.83
CA ALA B 187 -15.96 -3.55 4.64
C ALA B 187 -16.88 -2.42 5.08
N TYR B 188 -16.50 -1.76 6.17
CA TYR B 188 -17.22 -0.60 6.67
C TYR B 188 -17.07 0.59 5.73
N ARG B 189 -15.88 0.73 5.15
CA ARG B 189 -15.55 1.83 4.24
C ARG B 189 -16.50 1.91 3.05
N TRP B 190 -16.97 0.76 2.59
CA TRP B 190 -17.89 0.71 1.45
C TRP B 190 -19.35 0.83 1.86
N MET B 191 -19.61 0.81 3.16
CA MET B 191 -20.97 0.91 3.67
C MET B 191 -21.43 2.36 3.73
N ILE B 192 -20.60 3.22 4.30
CA ILE B 192 -20.96 4.63 4.51
C ILE B 192 -20.75 5.53 3.28
N ASP B 193 -20.23 4.94 2.20
CA ASP B 193 -20.11 5.64 0.93
C ASP B 193 -21.52 5.85 0.36
N SER B 194 -21.90 7.13 0.25
CA SER B 194 -23.23 7.52 -0.19
C SER B 194 -23.62 6.96 -1.56
N ARG B 195 -22.61 6.70 -2.38
CA ARG B 195 -22.81 6.19 -3.74
C ARG B 195 -23.21 4.72 -3.76
N ASP B 196 -22.75 3.97 -2.77
CA ASP B 196 -22.99 2.52 -2.70
C ASP B 196 -24.44 2.17 -2.34
N ASP B 197 -24.99 1.20 -3.07
CA ASP B 197 -26.40 0.80 -2.91
C ASP B 197 -26.54 -0.53 -2.15
N PHE B 198 -25.45 -1.29 -2.08
CA PHE B 198 -25.49 -2.64 -1.53
C PHE B 198 -25.14 -2.72 -0.04
N THR B 199 -25.50 -1.68 0.71
CA THR B 199 -25.15 -1.56 2.13
C THR B 199 -25.81 -2.63 3.02
N GLU B 200 -27.10 -2.87 2.81
CA GLU B 200 -27.88 -3.83 3.63
C GLU B 200 -27.39 -5.28 3.49
N GLU B 201 -27.02 -5.66 2.27
CA GLU B 201 -26.53 -7.02 1.99
C GLU B 201 -25.05 -7.20 2.34
N ARG B 202 -24.32 -6.09 2.46
CA ARG B 202 -22.95 -6.11 2.95
C ARG B 202 -22.91 -6.50 4.43
N LEU B 203 -23.93 -6.07 5.17
CA LEU B 203 -24.08 -6.40 6.58
C LEU B 203 -24.52 -7.86 6.76
N ALA B 204 -25.33 -8.33 5.82
CA ALA B 204 -25.83 -9.72 5.83
C ALA B 204 -24.71 -10.74 5.59
N LYS B 205 -23.54 -10.25 5.16
CA LYS B 205 -22.37 -11.09 4.91
C LYS B 205 -21.71 -11.53 6.21
N LEU B 206 -22.12 -10.91 7.32
CA LEU B 206 -21.47 -11.12 8.62
C LEU B 206 -22.41 -11.67 9.69
N GLN B 207 -23.44 -12.41 9.28
CA GLN B 207 -24.46 -12.92 10.20
C GLN B 207 -24.05 -14.21 10.92
N ASP B 208 -22.78 -14.56 10.82
CA ASP B 208 -22.24 -15.71 11.55
C ASP B 208 -21.33 -15.24 12.70
N PRO B 209 -21.18 -16.08 13.74
CA PRO B 209 -20.44 -15.67 14.95
C PRO B 209 -18.94 -15.42 14.75
N PHE B 210 -18.40 -15.82 13.58
CA PHE B 210 -16.97 -15.69 13.33
C PHE B 210 -16.55 -14.46 12.52
N SER B 211 -17.30 -14.17 11.45
CA SER B 211 -16.93 -13.11 10.51
C SER B 211 -16.59 -11.78 11.18
N LEU B 212 -17.52 -11.27 11.99
CA LEU B 212 -17.36 -10.00 12.68
C LEU B 212 -17.26 -10.17 14.20
N TYR B 213 -18.01 -11.13 14.73
CA TYR B 213 -18.26 -11.22 16.17
C TYR B 213 -17.21 -11.96 17.01
N ARG B 214 -15.99 -12.05 16.48
CA ARG B 214 -14.84 -12.51 17.27
C ARG B 214 -14.09 -11.32 17.88
N CYS B 215 -14.44 -10.11 17.43
CA CYS B 215 -13.88 -8.90 17.99
C CYS B 215 -14.54 -8.56 19.33
N HIS B 216 -13.78 -8.67 20.40
CA HIS B 216 -14.25 -8.36 21.74
C HIS B 216 -13.73 -7.00 22.20
N THR B 217 -13.38 -6.15 21.23
CA THR B 217 -12.76 -4.85 21.46
C THR B 217 -11.56 -4.91 22.42
N ILE B 218 -10.63 -5.80 22.10
CA ILE B 218 -9.38 -5.96 22.85
C ILE B 218 -8.47 -4.75 22.64
N MET B 219 -8.50 -4.24 21.40
CA MET B 219 -7.88 -2.95 21.04
C MET B 219 -6.35 -2.98 20.99
N ASN B 220 -5.81 -3.85 20.12
CA ASN B 220 -4.40 -3.83 19.80
C ASN B 220 -4.15 -3.32 18.40
N CYS B 221 -5.19 -3.37 17.57
CA CYS B 221 -5.15 -2.95 16.18
C CYS B 221 -4.91 -1.45 16.01
N THR B 222 -5.69 -0.64 16.74
CA THR B 222 -5.58 0.81 16.68
C THR B 222 -4.27 1.29 17.29
N GLY B 223 -3.87 0.67 18.39
CA GLY B 223 -2.64 1.01 19.10
C GLY B 223 -1.37 0.58 18.39
N THR B 224 -1.52 0.03 17.18
CA THR B 224 -0.36 -0.40 16.40
C THR B 224 -0.36 0.16 14.98
N CYS B 225 -1.47 0.79 14.57
CA CYS B 225 -1.60 1.33 13.22
C CYS B 225 -0.49 2.32 12.88
N PRO B 226 0.30 2.02 11.83
CA PRO B 226 1.39 2.90 11.42
C PRO B 226 0.88 4.20 10.77
N LYS B 227 -0.35 4.16 10.26
CA LYS B 227 -0.93 5.31 9.56
C LYS B 227 -1.88 6.16 10.43
N GLY B 228 -2.05 5.75 11.70
CA GLY B 228 -2.82 6.52 12.67
C GLY B 228 -4.32 6.31 12.61
N LEU B 229 -4.76 5.32 11.82
CA LEU B 229 -6.17 5.02 11.65
C LEU B 229 -6.75 4.29 12.85
N ASN B 230 -8.09 4.30 12.95
CA ASN B 230 -8.79 3.67 14.07
C ASN B 230 -9.75 2.57 13.61
N PRO B 231 -9.23 1.36 13.35
CA PRO B 231 -10.05 0.26 12.86
C PRO B 231 -11.02 -0.26 13.91
N GLY B 232 -10.55 -0.40 15.15
CA GLY B 232 -11.39 -0.87 16.25
C GLY B 232 -12.67 -0.08 16.39
N LYS B 233 -12.55 1.24 16.33
CA LYS B 233 -13.70 2.16 16.35
C LYS B 233 -14.69 1.82 15.24
N ALA B 234 -14.16 1.58 14.04
CA ALA B 234 -15.00 1.23 12.89
C ALA B 234 -15.76 -0.08 13.09
N ILE B 235 -15.11 -1.06 13.73
CA ILE B 235 -15.76 -2.34 14.03
C ILE B 235 -17.02 -2.15 14.88
N ALA B 236 -16.90 -1.31 15.91
CA ALA B 236 -18.04 -0.98 16.79
C ALA B 236 -19.19 -0.33 16.01
N GLU B 237 -18.85 0.45 14.99
CA GLU B 237 -19.84 1.05 14.11
C GLU B 237 -20.56 0.01 13.25
N ILE B 238 -19.83 -1.03 12.84
CA ILE B 238 -20.43 -2.14 12.11
C ILE B 238 -21.42 -2.85 13.03
N LYS B 239 -20.96 -3.20 14.23
CA LYS B 239 -21.80 -3.80 15.26
C LYS B 239 -23.07 -2.99 15.46
N LYS B 240 -22.92 -1.66 15.56
CA LYS B 240 -24.05 -0.75 15.72
C LYS B 240 -25.02 -0.81 14.53
N MET B 241 -24.47 -0.88 13.32
CA MET B 241 -25.26 -0.98 12.10
C MET B 241 -25.95 -2.33 11.99
N MET B 242 -25.32 -3.35 12.56
CA MET B 242 -25.83 -4.73 12.49
C MET B 242 -27.09 -4.94 13.33
N ALA B 243 -27.22 -4.19 14.41
CA ALA B 243 -28.38 -4.32 15.29
C ALA B 243 -29.49 -3.31 14.95
N THR B 244 -29.16 -2.31 14.15
CA THR B 244 -30.10 -1.23 13.85
C THR B 244 -30.77 -1.33 12.47
N TYR B 245 -30.02 -1.83 11.48
CA TYR B 245 -30.47 -1.81 10.09
C TYR B 245 -31.84 -2.48 9.85
N LYS B 246 -32.56 -1.98 8.86
CA LYS B 246 -33.95 -2.39 8.58
C LYS B 246 -34.05 -3.70 7.79
N GLU B 247 -35.29 -4.17 7.61
CA GLU B 247 -35.62 -5.43 6.92
C GLU B 247 -35.10 -6.66 7.66
N THR C 3 -10.21 -17.99 -10.43
CA THR C 3 -10.35 -18.42 -9.01
C THR C 3 -11.25 -17.48 -8.19
N THR C 4 -12.04 -18.07 -7.30
CA THR C 4 -12.92 -17.29 -6.41
C THR C 4 -12.21 -16.93 -5.11
N ALA C 5 -12.89 -16.18 -4.24
CA ALA C 5 -12.33 -15.70 -2.99
C ALA C 5 -12.03 -16.83 -2.01
N LYS C 6 -13.06 -17.62 -1.71
CA LYS C 6 -12.95 -18.69 -0.71
C LYS C 6 -12.29 -19.96 -1.24
N GLU C 7 -11.95 -19.95 -2.53
CA GLU C 7 -11.16 -21.02 -3.15
C GLU C 7 -9.68 -20.78 -2.88
N GLU C 8 -9.30 -19.51 -2.79
CA GLU C 8 -7.92 -19.11 -2.48
C GLU C 8 -7.58 -19.41 -1.03
N MET C 9 -8.61 -19.39 -0.17
CA MET C 9 -8.46 -19.71 1.24
C MET C 9 -8.20 -21.21 1.45
N GLU C 10 -8.89 -22.05 0.67
CA GLU C 10 -8.68 -23.50 0.68
C GLU C 10 -7.25 -23.86 0.31
N ARG C 11 -6.70 -23.14 -0.67
CA ARG C 11 -5.34 -23.37 -1.18
C ARG C 11 -4.27 -22.93 -0.17
N PHE C 12 -4.59 -21.90 0.61
CA PHE C 12 -3.68 -21.36 1.62
C PHE C 12 -3.30 -22.39 2.68
N TRP C 13 -4.31 -23.07 3.21
CA TRP C 13 -4.11 -24.07 4.27
C TRP C 13 -3.55 -25.38 3.74
N ASN C 14 -4.05 -25.81 2.59
CA ASN C 14 -3.58 -27.04 1.96
C ASN C 14 -2.15 -26.96 1.42
N LYS C 15 -1.53 -25.78 1.59
CA LYS C 15 -0.12 -25.59 1.29
C LYS C 15 0.70 -25.50 2.59
N ASN C 16 0.25 -24.68 3.52
CA ASN C 16 0.99 -24.40 4.75
C ASN C 16 0.96 -25.52 5.78
N LEU C 17 -0.22 -26.11 5.98
CA LEU C 17 -0.39 -27.19 6.96
C LEU C 17 0.44 -28.42 6.61
N GLY C 18 0.54 -28.72 5.30
CA GLY C 18 1.36 -29.82 4.81
C GLY C 18 2.73 -29.36 4.36
N SER C 19 3.40 -28.59 5.22
CA SER C 19 4.74 -28.07 4.92
C SER C 19 5.59 -27.94 6.18
N ASN C 20 6.81 -27.46 6.00
CA ASN C 20 7.76 -27.26 7.09
C ASN C 20 7.88 -25.79 7.53
N ARG C 21 6.83 -25.02 7.26
CA ARG C 21 6.78 -23.60 7.64
C ARG C 21 6.40 -23.41 9.10
N PRO C 22 7.23 -22.66 9.86
CA PRO C 22 6.95 -22.41 11.27
C PRO C 22 6.11 -21.16 11.51
N LEU C 23 5.28 -21.19 12.55
CA LEU C 23 4.51 -20.02 12.96
C LEU C 23 5.42 -19.01 13.65
N SER C 24 5.36 -17.76 13.19
CA SER C 24 6.14 -16.67 13.78
C SER C 24 5.77 -16.47 15.24
N PRO C 25 6.77 -16.20 16.10
CA PRO C 25 6.50 -15.99 17.53
C PRO C 25 5.48 -14.88 17.76
N HIS C 26 4.40 -15.23 18.45
CA HIS C 26 3.30 -14.31 18.71
C HIS C 26 3.44 -13.64 20.08
N ILE C 27 2.88 -14.26 21.12
CA ILE C 27 2.99 -13.73 22.48
C ILE C 27 4.38 -13.95 23.09
N THR C 28 5.14 -14.85 22.48
CA THR C 28 6.51 -15.17 22.90
C THR C 28 7.40 -13.93 22.96
N ILE C 29 7.11 -12.94 22.13
CA ILE C 29 7.93 -11.72 22.05
C ILE C 29 7.14 -10.40 21.97
N TYR C 30 5.81 -10.49 21.81
CA TYR C 30 4.98 -9.29 21.63
C TYR C 30 4.89 -8.42 22.89
N ARG C 31 5.01 -7.11 22.68
CA ARG C 31 4.98 -6.11 23.77
C ARG C 31 3.72 -6.17 24.61
N TRP C 32 3.90 -6.11 25.93
CA TRP C 32 2.79 -6.05 26.87
C TRP C 32 2.20 -4.65 26.85
N SER C 33 0.86 -4.58 26.85
CA SER C 33 0.16 -3.31 26.91
C SER C 33 -0.99 -3.38 27.89
N LEU C 34 -1.37 -2.22 28.44
CA LEU C 34 -2.45 -2.11 29.42
C LEU C 34 -3.82 -2.57 28.88
N PRO C 35 -4.23 -2.09 27.69
CA PRO C 35 -5.53 -2.49 27.15
C PRO C 35 -5.65 -4.01 26.94
N MET C 36 -4.53 -4.65 26.61
CA MET C 36 -4.49 -6.09 26.38
C MET C 36 -4.52 -6.86 27.70
N ALA C 37 -3.71 -6.42 28.66
CA ALA C 37 -3.67 -7.02 29.99
C ALA C 37 -5.01 -6.87 30.70
N MET C 38 -5.69 -5.74 30.47
CA MET C 38 -6.99 -5.47 31.06
C MET C 38 -8.11 -6.30 30.41
N SER C 39 -7.89 -6.76 29.20
CA SER C 39 -8.84 -7.63 28.51
C SER C 39 -8.64 -9.08 28.93
N ILE C 40 -7.38 -9.47 29.14
CA ILE C 40 -7.04 -10.80 29.66
C ILE C 40 -7.66 -10.98 31.04
N CYS C 41 -7.49 -9.97 31.89
CA CYS C 41 -8.04 -9.98 33.26
C CYS C 41 -9.55 -10.10 33.26
N HIS C 42 -10.21 -9.40 32.33
CA HIS C 42 -11.66 -9.42 32.23
C HIS C 42 -12.20 -10.82 31.92
N ARG C 43 -11.44 -11.56 31.13
CA ARG C 43 -11.74 -12.96 30.85
C ARG C 43 -11.52 -13.83 32.08
N GLY C 44 -10.35 -13.67 32.70
CA GLY C 44 -9.99 -14.42 33.92
C GLY C 44 -10.99 -14.24 35.04
N THR C 45 -11.42 -12.99 35.25
CA THR C 45 -12.44 -12.67 36.25
C THR C 45 -13.79 -13.28 35.88
N GLY C 46 -14.15 -13.18 34.60
CA GLY C 46 -15.37 -13.80 34.08
C GLY C 46 -15.41 -15.30 34.37
N ILE C 47 -14.34 -15.99 33.99
CA ILE C 47 -14.20 -17.44 34.22
C ILE C 47 -14.22 -17.76 35.72
N ALA C 48 -13.46 -17.01 36.52
CA ALA C 48 -13.36 -17.23 37.96
C ALA C 48 -14.71 -17.10 38.66
N LEU C 49 -15.49 -16.10 38.26
CA LEU C 49 -16.81 -15.84 38.84
C LEU C 49 -17.83 -16.94 38.51
N SER C 50 -17.89 -17.32 37.23
CA SER C 50 -18.80 -18.39 36.80
C SER C 50 -18.45 -19.72 37.45
N ALA C 51 -17.15 -19.94 37.69
CA ALA C 51 -16.67 -21.10 38.42
C ALA C 51 -17.16 -21.06 39.87
N GLY C 52 -17.27 -19.86 40.42
CA GLY C 52 -17.78 -19.66 41.78
C GLY C 52 -19.28 -19.86 41.86
N VAL C 53 -20.01 -19.23 40.94
CA VAL C 53 -21.48 -19.31 40.91
C VAL C 53 -21.95 -20.73 40.61
N SER C 54 -21.26 -21.41 39.69
CA SER C 54 -21.57 -22.81 39.37
C SER C 54 -21.27 -23.73 40.55
N LEU C 55 -20.20 -23.44 41.28
CA LEU C 55 -19.87 -24.18 42.50
C LEU C 55 -20.86 -23.90 43.63
N PHE C 56 -21.62 -22.81 43.51
CA PHE C 56 -22.66 -22.48 44.49
C PHE C 56 -23.99 -23.13 44.12
N GLY C 57 -24.25 -23.25 42.82
CA GLY C 57 -25.46 -23.88 42.32
C GLY C 57 -25.42 -25.40 42.45
N LEU C 58 -24.28 -25.98 42.04
CA LEU C 58 -24.07 -27.44 42.12
C LEU C 58 -24.08 -27.94 43.57
N SER C 59 -23.44 -27.18 44.46
CA SER C 59 -23.40 -27.53 45.88
C SER C 59 -24.76 -27.39 46.58
N ALA C 60 -25.64 -26.58 45.99
CA ALA C 60 -27.00 -26.41 46.50
C ALA C 60 -27.87 -27.64 46.26
N LEU C 61 -27.54 -28.40 45.22
CA LEU C 61 -28.24 -29.64 44.89
C LEU C 61 -27.53 -30.88 45.41
N LEU C 62 -26.23 -30.98 45.12
CA LEU C 62 -25.46 -32.19 45.40
C LEU C 62 -25.15 -32.42 46.88
N LEU C 63 -24.69 -31.37 47.56
CA LEU C 63 -24.32 -31.48 48.98
C LEU C 63 -25.52 -31.31 49.91
N PRO C 64 -25.64 -32.18 50.93
CA PRO C 64 -26.72 -32.07 51.90
C PRO C 64 -26.39 -31.13 53.06
N GLY C 65 -27.41 -30.73 53.82
CA GLY C 65 -27.25 -29.78 54.93
C GLY C 65 -27.54 -28.37 54.49
N ASN C 66 -28.24 -27.61 55.34
CA ASN C 66 -28.63 -26.24 55.02
C ASN C 66 -27.48 -25.24 55.13
N PHE C 67 -27.73 -24.01 54.65
CA PHE C 67 -26.70 -22.97 54.59
C PHE C 67 -26.28 -22.46 55.97
N GLU C 68 -27.23 -22.41 56.91
CA GLU C 68 -26.96 -21.96 58.27
C GLU C 68 -25.98 -22.88 59.00
N SER C 69 -26.08 -24.18 58.72
CA SER C 69 -25.16 -25.16 59.27
C SER C 69 -23.77 -25.05 58.63
N HIS C 70 -23.74 -24.69 57.35
CA HIS C 70 -22.49 -24.47 56.63
C HIS C 70 -21.73 -23.25 57.17
N LEU C 71 -22.47 -22.21 57.56
CA LEU C 71 -21.88 -21.01 58.14
C LEU C 71 -21.30 -21.26 59.53
N GLU C 72 -21.96 -22.12 60.29
CA GLU C 72 -21.50 -22.48 61.64
C GLU C 72 -20.29 -23.41 61.60
N LEU C 73 -20.05 -23.99 60.43
CA LEU C 73 -18.82 -24.75 60.18
C LEU C 73 -17.65 -23.78 59.97
N VAL C 74 -17.94 -22.65 59.33
CA VAL C 74 -16.96 -21.59 59.11
C VAL C 74 -16.70 -20.83 60.41
N LYS C 75 -17.78 -20.52 61.13
CA LYS C 75 -17.70 -19.82 62.42
C LYS C 75 -16.85 -20.57 63.44
N SER C 76 -17.03 -21.90 63.50
CA SER C 76 -16.26 -22.76 64.39
C SER C 76 -14.96 -23.25 63.73
N LEU C 77 -14.11 -22.29 63.36
CA LEU C 77 -12.80 -22.55 62.81
C LEU C 77 -11.85 -21.52 63.42
N CYS C 78 -12.31 -20.90 64.52
CA CYS C 78 -11.69 -19.72 65.13
C CYS C 78 -11.02 -18.82 64.09
N LEU C 79 -11.85 -18.31 63.18
CA LEU C 79 -11.41 -17.45 62.07
C LEU C 79 -10.75 -16.16 62.55
N GLY C 80 -9.72 -15.73 61.82
CA GLY C 80 -8.92 -14.57 62.19
C GLY C 80 -9.65 -13.24 62.07
N PRO C 81 -9.10 -12.18 62.71
CA PRO C 81 -9.71 -10.84 62.67
C PRO C 81 -9.63 -10.23 61.27
N THR C 82 -8.44 -10.23 60.68
CA THR C 82 -8.23 -9.69 59.35
C THR C 82 -8.21 -10.81 58.31
N LEU C 83 -7.99 -12.04 58.79
CA LEU C 83 -7.98 -13.23 57.93
C LEU C 83 -9.35 -13.49 57.31
N ILE C 84 -10.40 -12.99 57.96
CA ILE C 84 -11.76 -13.06 57.43
C ILE C 84 -12.01 -11.95 56.40
N TYR C 85 -11.38 -10.79 56.63
CA TYR C 85 -11.45 -9.65 55.72
C TYR C 85 -10.74 -9.95 54.40
N THR C 86 -9.61 -10.66 54.49
CA THR C 86 -8.81 -11.04 53.33
C THR C 86 -9.55 -12.05 52.45
N ALA C 87 -10.21 -13.01 53.09
CA ALA C 87 -11.02 -14.00 52.37
C ALA C 87 -12.24 -13.34 51.73
N LYS C 88 -12.69 -12.25 52.34
CA LYS C 88 -13.82 -11.47 51.83
C LYS C 88 -13.38 -10.59 50.65
N PHE C 89 -12.29 -9.85 50.85
CA PHE C 89 -11.70 -8.95 49.85
C PHE C 89 -11.36 -9.66 48.55
N GLY C 90 -10.85 -10.89 48.65
CA GLY C 90 -10.48 -11.69 47.48
C GLY C 90 -11.66 -12.23 46.68
N ILE C 91 -12.87 -11.86 47.09
CA ILE C 91 -14.09 -12.21 46.37
C ILE C 91 -14.74 -10.95 45.78
N VAL C 92 -14.54 -9.81 46.45
CA VAL C 92 -15.04 -8.53 45.97
C VAL C 92 -14.15 -7.99 44.85
N PHE C 93 -12.84 -8.19 44.98
CA PHE C 93 -11.86 -7.69 44.00
C PHE C 93 -12.09 -8.23 42.58
N PRO C 94 -12.27 -9.55 42.43
CA PRO C 94 -12.58 -10.07 41.09
C PRO C 94 -13.94 -9.60 40.58
N LEU C 95 -14.91 -9.43 41.48
CA LEU C 95 -16.26 -9.01 41.10
C LEU C 95 -16.30 -7.55 40.66
N MET C 96 -15.73 -6.68 41.50
CA MET C 96 -15.78 -5.24 41.27
C MET C 96 -14.96 -4.77 40.07
N TYR C 97 -13.87 -5.49 39.77
CA TYR C 97 -13.10 -5.22 38.56
C TYR C 97 -13.95 -5.51 37.32
N HIS C 98 -14.51 -6.71 37.27
CA HIS C 98 -15.34 -7.16 36.16
C HIS C 98 -16.63 -6.35 36.05
N THR C 99 -17.12 -5.83 37.16
CA THR C 99 -18.30 -4.98 37.18
C THR C 99 -18.02 -3.62 36.54
N TRP C 100 -16.99 -2.92 37.05
CA TRP C 100 -16.64 -1.60 36.53
C TRP C 100 -16.18 -1.65 35.06
N ASN C 101 -15.27 -2.57 34.75
CA ASN C 101 -14.80 -2.77 33.37
C ASN C 101 -15.92 -3.25 32.44
N GLY C 102 -16.95 -3.87 33.03
CA GLY C 102 -18.16 -4.26 32.31
C GLY C 102 -18.88 -3.06 31.74
N ILE C 103 -18.84 -1.96 32.47
CA ILE C 103 -19.39 -0.69 32.00
C ILE C 103 -18.52 -0.12 30.87
N ARG C 104 -17.20 -0.24 31.02
CA ARG C 104 -16.26 0.27 30.03
C ARG C 104 -16.42 -0.43 28.68
N HIS C 105 -16.63 -1.75 28.71
CA HIS C 105 -16.95 -2.51 27.51
C HIS C 105 -18.29 -2.09 26.94
N LEU C 106 -19.24 -1.78 27.83
CA LEU C 106 -20.60 -1.41 27.45
C LEU C 106 -20.66 -0.01 26.83
N ILE C 107 -19.77 0.87 27.29
CA ILE C 107 -19.65 2.22 26.73
C ILE C 107 -19.13 2.15 25.29
N TRP C 108 -18.19 1.23 25.05
CA TRP C 108 -17.64 1.00 23.71
C TRP C 108 -18.71 0.51 22.73
N ASP C 109 -19.72 -0.18 23.26
CA ASP C 109 -20.84 -0.68 22.45
C ASP C 109 -21.69 0.45 21.88
N LEU C 110 -21.84 1.52 22.65
CA LEU C 110 -22.49 2.74 22.17
C LEU C 110 -21.59 3.46 21.17
N GLY C 111 -20.27 3.34 21.39
CA GLY C 111 -19.28 3.93 20.49
C GLY C 111 -18.41 4.99 21.14
N LYS C 112 -18.76 5.39 22.36
CA LYS C 112 -18.05 6.44 23.08
C LYS C 112 -16.70 5.96 23.61
N GLY C 113 -15.76 6.91 23.71
CA GLY C 113 -14.46 6.68 24.36
C GLY C 113 -13.55 5.67 23.69
N LEU C 114 -13.58 5.62 22.36
CA LEU C 114 -12.84 4.61 21.61
C LEU C 114 -11.49 5.07 21.04
N THR C 115 -11.10 6.31 21.33
CA THR C 115 -9.77 6.81 20.94
C THR C 115 -8.70 6.19 21.84
N ILE C 116 -7.44 6.33 21.45
CA ILE C 116 -6.32 5.79 22.24
C ILE C 116 -6.18 6.45 23.62
N PRO C 117 -6.21 7.81 23.71
CA PRO C 117 -6.13 8.43 25.02
C PRO C 117 -7.30 8.08 25.95
N GLN C 118 -8.52 8.02 25.40
CA GLN C 118 -9.71 7.69 26.18
C GLN C 118 -9.69 6.26 26.71
N LEU C 119 -9.08 5.36 25.95
CA LEU C 119 -8.91 3.96 26.33
C LEU C 119 -7.91 3.83 27.49
N THR C 120 -6.84 4.61 27.46
CA THR C 120 -5.82 4.59 28.51
C THR C 120 -6.32 5.29 29.78
N GLN C 121 -7.06 6.38 29.61
CA GLN C 121 -7.62 7.14 30.73
C GLN C 121 -8.66 6.35 31.51
N SER C 122 -9.68 5.85 30.81
CA SER C 122 -10.75 5.07 31.42
C SER C 122 -10.26 3.71 31.93
N GLY C 123 -9.12 3.26 31.40
CA GLY C 123 -8.48 2.03 31.86
C GLY C 123 -7.94 2.16 33.28
N VAL C 124 -7.35 3.31 33.59
CA VAL C 124 -6.89 3.62 34.94
C VAL C 124 -8.07 3.90 35.85
N VAL C 125 -9.05 4.65 35.35
CA VAL C 125 -10.28 4.97 36.08
C VAL C 125 -11.01 3.71 36.56
N VAL C 126 -11.08 2.70 35.70
CA VAL C 126 -11.64 1.41 36.08
C VAL C 126 -10.78 0.72 37.14
N LEU C 127 -9.47 0.71 36.91
CA LEU C 127 -8.51 0.09 37.83
C LEU C 127 -8.56 0.72 39.23
N ILE C 128 -8.75 2.04 39.28
CA ILE C 128 -8.84 2.78 40.54
C ILE C 128 -10.18 2.57 41.24
N LEU C 129 -11.28 2.77 40.51
CA LEU C 129 -12.63 2.66 41.07
C LEU C 129 -12.91 1.26 41.62
N THR C 130 -12.17 0.27 41.13
CA THR C 130 -12.25 -1.09 41.62
C THR C 130 -11.76 -1.21 43.07
N VAL C 131 -10.52 -0.74 43.30
CA VAL C 131 -9.89 -0.80 44.62
C VAL C 131 -10.75 -0.13 45.70
N LEU C 132 -11.35 1.00 45.33
CA LEU C 132 -12.24 1.74 46.22
C LEU C 132 -13.50 0.96 46.56
N SER C 133 -14.12 0.36 45.55
CA SER C 133 -15.33 -0.43 45.73
C SER C 133 -15.05 -1.80 46.35
N SER C 134 -13.79 -2.25 46.28
CA SER C 134 -13.38 -3.52 46.87
C SER C 134 -13.08 -3.36 48.37
N VAL C 135 -12.26 -2.37 48.70
CA VAL C 135 -11.92 -2.06 50.09
C VAL C 135 -13.16 -1.52 50.82
N GLY C 136 -13.93 -0.68 50.12
CA GLY C 136 -15.14 -0.09 50.67
C GLY C 136 -16.20 -1.08 51.07
N LEU C 137 -16.40 -2.12 50.25
CA LEU C 137 -17.39 -3.16 50.51
C LEU C 137 -16.94 -4.22 51.51
N ALA C 138 -15.65 -4.56 51.49
CA ALA C 138 -15.09 -5.53 52.42
C ALA C 138 -15.08 -5.01 53.87
N ALA C 139 -15.25 -3.69 54.02
CA ALA C 139 -15.36 -3.05 55.33
C ALA C 139 -16.82 -2.78 55.71
N MET C 140 -17.72 -2.89 54.74
CA MET C 140 -19.14 -2.65 54.95
C MET C 140 -19.82 -3.83 55.64
N SER D 2 -33.49 -12.56 4.79
CA SER D 2 -32.51 -13.54 5.33
C SER D 2 -32.29 -13.33 6.83
N SER D 3 -32.23 -14.44 7.57
CA SER D 3 -32.13 -14.42 9.04
C SER D 3 -30.83 -13.82 9.56
N LYS D 4 -30.92 -13.09 10.68
CA LYS D 4 -29.77 -12.48 11.32
C LYS D 4 -29.61 -12.93 12.78
N ALA D 5 -29.07 -14.13 12.95
CA ALA D 5 -28.95 -14.77 14.26
C ALA D 5 -27.88 -14.13 15.14
N ALA D 6 -26.69 -13.94 14.58
CA ALA D 6 -25.56 -13.34 15.31
C ALA D 6 -25.80 -11.87 15.67
N SER D 7 -26.71 -11.23 14.94
CA SER D 7 -27.08 -9.84 15.18
C SER D 7 -27.95 -9.68 16.43
N LEU D 8 -29.04 -10.45 16.49
CA LEU D 8 -29.99 -10.37 17.60
C LEU D 8 -29.43 -10.95 18.89
N HIS D 9 -28.58 -11.97 18.76
CA HIS D 9 -27.92 -12.58 19.91
C HIS D 9 -26.99 -11.59 20.60
N TRP D 10 -26.25 -10.83 19.79
CA TRP D 10 -25.32 -9.83 20.30
C TRP D 10 -26.02 -8.74 21.09
N THR D 11 -27.22 -8.37 20.66
CA THR D 11 -28.06 -7.38 21.35
C THR D 11 -28.53 -7.93 22.70
N GLY D 12 -28.91 -9.21 22.71
CA GLY D 12 -29.41 -9.88 23.92
C GLY D 12 -28.43 -9.86 25.07
N GLU D 13 -27.15 -10.08 24.77
CA GLU D 13 -26.08 -10.06 25.77
C GLU D 13 -25.99 -8.70 26.47
N ARG D 14 -26.20 -7.63 25.72
CA ARG D 14 -26.13 -6.27 26.24
C ARG D 14 -27.39 -5.91 27.02
N VAL D 15 -28.51 -6.50 26.63
CA VAL D 15 -29.78 -6.32 27.32
C VAL D 15 -29.74 -6.92 28.72
N VAL D 16 -29.19 -8.13 28.84
CA VAL D 16 -29.00 -8.75 30.15
C VAL D 16 -27.89 -8.05 30.95
N SER D 17 -26.95 -7.44 30.24
CA SER D 17 -25.87 -6.67 30.87
C SER D 17 -26.38 -5.41 31.56
N VAL D 18 -27.35 -4.73 30.94
CA VAL D 18 -28.00 -3.58 31.57
C VAL D 18 -29.00 -4.01 32.64
N LEU D 19 -29.50 -5.25 32.51
CA LEU D 19 -30.36 -5.85 33.52
C LEU D 19 -29.56 -6.28 34.76
N LEU D 20 -28.43 -6.95 34.52
CA LEU D 20 -27.56 -7.44 35.60
C LEU D 20 -26.89 -6.30 36.36
N LEU D 21 -26.49 -5.26 35.63
CA LEU D 21 -25.93 -4.06 36.25
C LEU D 21 -26.99 -3.32 37.05
N GLY D 22 -28.22 -3.34 36.55
CA GLY D 22 -29.35 -2.71 37.23
C GLY D 22 -29.79 -3.48 38.47
N LEU D 23 -29.66 -4.80 38.42
CA LEU D 23 -30.14 -5.67 39.50
C LEU D 23 -29.29 -5.65 40.77
N LEU D 24 -27.98 -5.45 40.61
CA LEU D 24 -27.06 -5.47 41.77
C LEU D 24 -27.31 -4.37 42.81
N PRO D 25 -27.55 -3.12 42.37
CA PRO D 25 -28.01 -2.12 43.34
C PRO D 25 -29.48 -2.32 43.73
N ALA D 26 -30.26 -2.91 42.82
CA ALA D 26 -31.67 -3.20 43.09
C ALA D 26 -31.84 -4.32 44.11
N ALA D 27 -30.85 -5.20 44.21
CA ALA D 27 -30.85 -6.28 45.20
C ALA D 27 -30.50 -5.74 46.58
N TYR D 28 -29.60 -4.78 46.63
CA TYR D 28 -29.20 -4.12 47.88
C TYR D 28 -30.33 -3.26 48.44
N LEU D 29 -30.80 -2.31 47.62
CA LEU D 29 -31.83 -1.37 48.03
C LEU D 29 -33.21 -2.01 48.20
N ASN D 30 -33.54 -2.94 47.30
CA ASN D 30 -34.82 -3.63 47.35
C ASN D 30 -34.63 -5.15 47.43
N PRO D 31 -34.30 -5.67 48.63
CA PRO D 31 -34.08 -7.11 48.79
C PRO D 31 -35.39 -7.87 49.03
N CYS D 32 -35.77 -8.71 48.08
CA CYS D 32 -37.02 -9.48 48.18
C CYS D 32 -36.89 -10.86 47.56
N SER D 33 -37.95 -11.66 47.70
CA SER D 33 -38.02 -13.00 47.13
C SER D 33 -38.07 -12.94 45.59
N ALA D 34 -38.81 -11.96 45.07
CA ALA D 34 -38.93 -11.76 43.63
C ALA D 34 -37.61 -11.32 42.99
N MET D 35 -36.78 -10.64 43.77
CA MET D 35 -35.46 -10.20 43.34
C MET D 35 -34.48 -11.37 43.25
N ASP D 36 -34.63 -12.33 44.17
CA ASP D 36 -33.75 -13.50 44.25
C ASP D 36 -33.76 -14.34 42.97
N TYR D 37 -34.95 -14.56 42.42
CA TYR D 37 -35.11 -15.39 41.23
C TYR D 37 -34.65 -14.70 39.95
N SER D 38 -35.00 -13.41 39.81
CA SER D 38 -34.60 -12.61 38.66
C SER D 38 -33.09 -12.41 38.61
N LEU D 39 -32.45 -12.44 39.77
CA LEU D 39 -30.99 -12.34 39.88
C LEU D 39 -30.33 -13.63 39.41
N ALA D 40 -30.82 -14.77 39.89
CA ALA D 40 -30.31 -16.08 39.52
C ALA D 40 -30.42 -16.35 38.02
N ALA D 41 -31.49 -15.85 37.42
CA ALA D 41 -31.71 -15.97 35.98
C ALA D 41 -30.70 -15.16 35.19
N ALA D 42 -30.48 -13.91 35.62
CA ALA D 42 -29.54 -13.01 34.95
C ALA D 42 -28.09 -13.45 35.14
N LEU D 43 -27.78 -13.99 36.31
CA LEU D 43 -26.45 -14.52 36.63
C LEU D 43 -26.06 -15.69 35.72
N THR D 44 -26.96 -16.67 35.62
CA THR D 44 -26.70 -17.90 34.88
C THR D 44 -26.74 -17.70 33.36
N LEU D 45 -27.63 -16.81 32.91
CA LEU D 45 -27.79 -16.55 31.47
C LEU D 45 -26.58 -15.79 30.92
N HIS D 46 -26.24 -14.68 31.58
CA HIS D 46 -25.10 -13.86 31.20
C HIS D 46 -23.79 -14.64 31.27
N GLY D 47 -23.72 -15.58 32.21
CA GLY D 47 -22.59 -16.47 32.36
C GLY D 47 -22.52 -17.52 31.25
N HIS D 48 -23.69 -18.04 30.87
CA HIS D 48 -23.80 -19.02 29.79
C HIS D 48 -23.42 -18.41 28.44
N TRP D 49 -23.81 -17.15 28.23
CA TRP D 49 -23.44 -16.41 27.02
C TRP D 49 -22.04 -15.80 27.12
N GLY D 50 -21.34 -16.10 28.21
CA GLY D 50 -19.96 -15.67 28.40
C GLY D 50 -19.00 -16.77 27.99
N ILE D 51 -19.13 -17.93 28.64
CA ILE D 51 -18.33 -19.12 28.32
C ILE D 51 -18.59 -19.61 26.89
N GLY D 52 -19.83 -19.43 26.42
CA GLY D 52 -20.21 -19.73 25.05
C GLY D 52 -19.31 -19.04 24.05
N GLN D 53 -18.93 -17.81 24.38
CA GLN D 53 -18.01 -17.00 23.58
C GLN D 53 -16.57 -17.47 23.73
N VAL D 54 -16.23 -17.93 24.93
CA VAL D 54 -14.89 -18.47 25.21
C VAL D 54 -14.65 -19.77 24.46
N VAL D 55 -15.68 -20.62 24.41
CA VAL D 55 -15.62 -21.89 23.69
C VAL D 55 -15.40 -21.67 22.19
N THR D 56 -16.18 -20.77 21.60
CA THR D 56 -16.06 -20.46 20.18
C THR D 56 -14.70 -19.85 19.80
N ASP D 57 -13.97 -19.36 20.80
CA ASP D 57 -12.67 -18.74 20.59
C ASP D 57 -11.51 -19.72 20.63
N TYR D 58 -11.32 -20.37 21.77
CA TYR D 58 -10.16 -21.24 22.01
C TYR D 58 -10.36 -22.68 21.52
N VAL D 59 -11.56 -23.24 21.74
CA VAL D 59 -11.83 -24.64 21.39
C VAL D 59 -11.78 -24.86 19.88
N ARG D 60 -10.67 -25.42 19.41
CA ARG D 60 -10.49 -25.72 17.99
C ARG D 60 -11.03 -27.11 17.70
N GLY D 61 -11.93 -27.20 16.72
CA GLY D 61 -12.50 -28.49 16.32
C GLY D 61 -13.96 -28.42 15.92
N ASP D 62 -14.48 -29.57 15.48
CA ASP D 62 -15.86 -29.68 15.03
C ASP D 62 -16.66 -30.56 15.99
N ALA D 63 -16.19 -31.80 16.16
CA ALA D 63 -16.78 -32.74 17.11
C ALA D 63 -16.55 -32.27 18.54
N LEU D 64 -15.42 -31.62 18.77
CA LEU D 64 -15.08 -31.05 20.08
C LEU D 64 -15.98 -29.86 20.41
N GLN D 65 -16.29 -29.06 19.39
CA GLN D 65 -17.08 -27.82 19.55
C GLN D 65 -18.45 -28.06 20.17
N LYS D 66 -19.15 -29.08 19.70
CA LYS D 66 -20.49 -29.42 20.20
C LYS D 66 -20.44 -29.99 21.62
N ALA D 67 -19.38 -30.76 21.91
CA ALA D 67 -19.22 -31.43 23.21
C ALA D 67 -19.08 -30.45 24.36
N ALA D 68 -18.26 -29.41 24.16
CA ALA D 68 -18.06 -28.36 25.16
C ALA D 68 -19.33 -27.54 25.35
N LYS D 69 -20.02 -27.25 24.24
CA LYS D 69 -21.28 -26.51 24.26
C LYS D 69 -22.40 -27.30 24.92
N ALA D 70 -22.40 -28.62 24.72
CA ALA D 70 -23.37 -29.51 25.36
C ALA D 70 -23.12 -29.55 26.87
N GLY D 71 -21.86 -29.77 27.25
CA GLY D 71 -21.45 -29.80 28.65
C GLY D 71 -21.65 -28.48 29.38
N LEU D 72 -21.43 -27.37 28.66
CA LEU D 72 -21.67 -26.04 29.21
C LEU D 72 -23.13 -25.81 29.54
N LEU D 73 -24.03 -26.32 28.69
CA LEU D 73 -25.47 -26.22 28.91
C LEU D 73 -25.92 -27.02 30.13
N ALA D 74 -25.21 -28.12 30.41
CA ALA D 74 -25.48 -28.94 31.57
C ALA D 74 -25.21 -28.16 32.86
N LEU D 75 -24.01 -27.62 32.98
CA LEU D 75 -23.61 -26.82 34.14
C LEU D 75 -24.47 -25.57 34.29
N SER D 76 -24.82 -24.94 33.16
CA SER D 76 -25.68 -23.76 33.14
C SER D 76 -27.07 -24.07 33.69
N ALA D 77 -27.61 -25.22 33.29
CA ALA D 77 -28.92 -25.66 33.76
C ALA D 77 -28.85 -26.09 35.23
N PHE D 78 -27.79 -26.82 35.58
CA PHE D 78 -27.57 -27.28 36.95
C PHE D 78 -27.34 -26.13 37.92
N THR D 79 -26.64 -25.10 37.46
CA THR D 79 -26.39 -23.90 38.27
C THR D 79 -27.70 -23.16 38.51
N PHE D 80 -28.50 -22.98 37.46
CA PHE D 80 -29.78 -22.29 37.55
C PHE D 80 -30.82 -23.07 38.35
N ALA D 81 -30.80 -24.39 38.21
CA ALA D 81 -31.70 -25.25 38.99
C ALA D 81 -31.37 -25.15 40.47
N GLY D 82 -30.07 -25.21 40.79
CA GLY D 82 -29.60 -25.14 42.17
C GLY D 82 -29.89 -23.81 42.84
N LEU D 83 -29.73 -22.73 42.07
CA LEU D 83 -29.99 -21.38 42.57
C LEU D 83 -31.49 -21.13 42.75
N CYS D 84 -32.32 -21.81 41.95
CA CYS D 84 -33.76 -21.76 42.13
C CYS D 84 -34.18 -22.56 43.36
N TYR D 85 -33.57 -23.73 43.53
CA TYR D 85 -33.80 -24.58 44.69
C TYR D 85 -33.38 -23.89 45.98
N PHE D 86 -32.30 -23.12 45.91
CA PHE D 86 -31.79 -22.37 47.04
C PHE D 86 -32.73 -21.24 47.44
N ASN D 87 -33.42 -20.66 46.46
CA ASN D 87 -34.36 -19.56 46.69
C ASN D 87 -35.72 -20.03 47.24
N TYR D 88 -36.04 -21.30 47.00
CA TYR D 88 -37.32 -21.87 47.43
C TYR D 88 -37.21 -22.62 48.76
N HIS D 89 -36.24 -23.52 48.87
CA HIS D 89 -36.09 -24.39 50.03
C HIS D 89 -34.97 -23.98 50.99
N ASP D 90 -34.45 -22.77 50.82
CA ASP D 90 -33.46 -22.22 51.74
C ASP D 90 -33.70 -20.73 51.96
N VAL D 91 -32.67 -20.02 52.40
CA VAL D 91 -32.80 -18.62 52.84
C VAL D 91 -33.03 -17.64 51.68
N GLY D 92 -32.30 -17.83 50.59
CA GLY D 92 -32.34 -16.91 49.45
C GLY D 92 -31.02 -16.19 49.29
N ILE D 93 -30.64 -15.94 48.03
CA ILE D 93 -29.30 -15.39 47.72
C ILE D 93 -29.06 -13.96 48.24
N CYS D 94 -30.12 -13.21 48.48
CA CYS D 94 -30.02 -11.90 49.13
C CYS D 94 -29.55 -12.06 50.58
N LYS D 95 -30.19 -12.98 51.31
CA LYS D 95 -29.84 -13.24 52.70
C LYS D 95 -28.58 -14.10 52.82
N ALA D 96 -28.26 -14.84 51.76
CA ALA D 96 -27.04 -15.64 51.72
C ALA D 96 -25.81 -14.75 51.80
N VAL D 97 -25.84 -13.64 51.07
CA VAL D 97 -24.79 -12.64 51.13
C VAL D 97 -24.86 -11.88 52.46
N ALA D 98 -26.08 -11.54 52.87
CA ALA D 98 -26.31 -10.78 54.11
C ALA D 98 -25.77 -11.49 55.35
N MET D 99 -26.14 -12.76 55.52
CA MET D 99 -25.67 -13.57 56.64
C MET D 99 -24.19 -13.91 56.51
N LEU D 100 -23.66 -13.80 55.29
CA LEU D 100 -22.24 -14.01 55.03
C LEU D 100 -21.42 -12.75 55.32
N TRP D 101 -22.06 -11.59 55.20
CA TRP D 101 -21.37 -10.30 55.30
C TRP D 101 -21.47 -9.69 56.70
N LYS D 102 -22.69 -9.58 57.24
CA LYS D 102 -22.92 -8.99 58.55
C LYS D 102 -22.45 -9.90 59.70
N LEU D 103 -22.36 -11.20 59.39
CA LEU D 103 -21.91 -12.20 60.37
C LEU D 103 -20.52 -12.71 59.99
#